data_1GIQ
#
_entry.id   1GIQ
#
_cell.length_a   48.200
_cell.length_b   54.440
_cell.length_c   103.380
_cell.angle_alpha   99.20
_cell.angle_beta   93.10
_cell.angle_gamma   106.90
#
_symmetry.space_group_name_H-M   'P 1'
#
loop_
_entity.id
_entity.type
_entity.pdbx_description
1 polymer 'IOTA TOXIN COMPONENT IA'
2 non-polymer '1,4-DIHYDRONICOTINAMIDE ADENINE DINUCLEOTIDE'
3 water water
#
_entity_poly.entity_id   1
_entity_poly.type   'polypeptide(L)'
_entity_poly.pdbx_seq_one_letter_code
;AFIERPEDFLKDKENAIQWEKKEAERVEKNLDTLEKEALELYKKDSEQISNYSQTRQYFYDYQIESNPREKEYKNLRNAI
SKNKIDKPINVYYFESPEKFAFNKEIRTENQNEISLEKFNELKETIQDKLFKQDGFKDVSLYEPGNGDEKPTPLLIHLKL
PKNTGMLPYINSNDVKTLIEQDYSIKIDKIVRIVIEGKQYIKAEASIVNSLDFKDDVSKGDLWGKENYSDWSNKLTPNEL
ADVNDYMRGGYTAINNYLISNGPLNNPNPELDSKVNNIENALKLTPIPSNLIVYRRSGPQEFGLTLTSPEYDFNKIENID
AFKEKWEGKVITYPNFISTSIGSVNMSAFAKRKIILRINIPKDSPGAYLSAIPGYAGEYEVLLNHGSKFKINKVDSYKDG
TVTKLILDATLIN
;
_entity_poly.pdbx_strand_id   A,B
#
# COMPACT_ATOMS: atom_id res chain seq x y z
N ILE A 3 21.75 16.86 -34.40
CA ILE A 3 21.66 16.14 -33.11
C ILE A 3 20.92 16.99 -32.07
N GLU A 4 19.65 17.24 -32.33
CA GLU A 4 18.81 18.06 -31.45
C GLU A 4 18.14 17.20 -30.37
N ARG A 5 18.90 16.28 -29.78
CA ARG A 5 18.35 15.42 -28.74
C ARG A 5 19.39 15.02 -27.69
N PRO A 6 19.05 15.14 -26.41
CA PRO A 6 19.99 14.75 -25.35
C PRO A 6 20.01 13.23 -25.35
N GLU A 7 20.97 12.63 -24.65
CA GLU A 7 21.03 11.17 -24.57
C GLU A 7 20.04 10.70 -23.50
N ASP A 8 19.67 11.60 -22.60
CA ASP A 8 18.76 11.27 -21.52
C ASP A 8 17.97 12.53 -21.14
N PHE A 9 16.65 12.50 -21.33
CA PHE A 9 15.82 13.65 -21.02
C PHE A 9 15.61 13.85 -19.52
N LEU A 10 16.04 12.87 -18.73
CA LEU A 10 15.90 12.94 -17.28
C LEU A 10 14.44 13.16 -16.89
N LYS A 11 14.18 14.14 -16.03
CA LYS A 11 12.81 14.39 -15.58
C LYS A 11 12.02 15.35 -16.48
N ASP A 12 12.67 15.88 -17.51
CA ASP A 12 12.00 16.83 -18.40
C ASP A 12 10.98 16.20 -19.34
N LYS A 13 9.79 15.94 -18.81
CA LYS A 13 8.70 15.34 -19.57
C LYS A 13 8.27 16.17 -20.78
N GLU A 14 7.98 17.44 -20.54
CA GLU A 14 7.53 18.34 -21.60
C GLU A 14 8.42 18.32 -22.84
N ASN A 15 9.73 18.47 -22.67
CA ASN A 15 10.64 18.45 -23.81
C ASN A 15 10.75 17.06 -24.42
N ALA A 16 10.68 16.03 -23.58
CA ALA A 16 10.77 14.66 -24.06
C ALA A 16 9.61 14.37 -25.01
N ILE A 17 8.40 14.77 -24.61
CA ILE A 17 7.22 14.55 -25.43
C ILE A 17 7.27 15.36 -26.72
N GLN A 18 7.70 16.62 -26.61
CA GLN A 18 7.77 17.47 -27.79
C GLN A 18 8.71 16.91 -28.85
N TRP A 19 9.87 16.42 -28.43
CA TRP A 19 10.82 15.86 -29.38
C TRP A 19 10.27 14.58 -30.01
N GLU A 20 9.71 13.71 -29.18
CA GLU A 20 9.19 12.45 -29.67
C GLU A 20 7.93 12.58 -30.51
N LYS A 21 7.14 13.62 -30.26
CA LYS A 21 5.91 13.84 -31.02
C LYS A 21 6.28 14.10 -32.47
N LYS A 22 7.34 14.88 -32.68
CA LYS A 22 7.81 15.20 -34.03
C LYS A 22 8.43 13.98 -34.68
N GLU A 23 9.24 13.26 -33.91
CA GLU A 23 9.91 12.06 -34.40
C GLU A 23 8.89 11.04 -34.87
N ALA A 24 7.80 10.90 -34.11
CA ALA A 24 6.75 9.96 -34.46
C ALA A 24 6.19 10.28 -35.84
N GLU A 25 5.85 11.55 -36.05
CA GLU A 25 5.30 12.01 -37.33
C GLU A 25 6.28 11.70 -38.46
N ARG A 26 7.56 11.93 -38.20
CA ARG A 26 8.58 11.70 -39.20
C ARG A 26 8.62 10.23 -39.60
N VAL A 27 8.75 9.36 -38.61
CA VAL A 27 8.83 7.92 -38.83
C VAL A 27 7.62 7.28 -39.51
N GLU A 28 6.41 7.70 -39.12
CA GLU A 28 5.20 7.12 -39.71
C GLU A 28 5.14 7.28 -41.23
N LYS A 29 5.85 8.28 -41.76
CA LYS A 29 5.86 8.53 -43.20
C LYS A 29 6.82 7.58 -43.91
N ASN A 30 7.55 6.79 -43.14
CA ASN A 30 8.51 5.83 -43.70
C ASN A 30 8.02 4.39 -43.50
N LEU A 31 6.76 4.24 -43.13
CA LEU A 31 6.19 2.91 -42.89
C LEU A 31 5.34 2.43 -44.07
N ASP A 32 5.38 1.13 -44.33
CA ASP A 32 4.59 0.53 -45.40
C ASP A 32 3.19 0.23 -44.88
N THR A 33 2.26 -0.02 -45.78
CA THR A 33 0.88 -0.32 -45.42
C THR A 33 0.82 -1.48 -44.43
N LEU A 34 1.62 -2.51 -44.67
CA LEU A 34 1.65 -3.68 -43.80
C LEU A 34 2.16 -3.30 -42.41
N GLU A 35 3.24 -2.53 -42.37
CA GLU A 35 3.83 -2.10 -41.11
C GLU A 35 2.80 -1.28 -40.32
N LYS A 36 2.13 -0.36 -41.01
CA LYS A 36 1.10 0.46 -40.38
C LYS A 36 -0.01 -0.46 -39.87
N GLU A 37 -0.35 -1.45 -40.68
CA GLU A 37 -1.38 -2.43 -40.33
C GLU A 37 -1.05 -3.06 -38.98
N ALA A 38 0.17 -3.60 -38.89
CA ALA A 38 0.62 -4.25 -37.67
C ALA A 38 0.62 -3.31 -36.47
N LEU A 39 1.07 -2.08 -36.69
CA LEU A 39 1.13 -1.09 -35.62
C LEU A 39 -0.28 -0.82 -35.09
N GLU A 40 -1.24 -0.70 -35.99
CA GLU A 40 -2.62 -0.44 -35.58
C GLU A 40 -3.15 -1.60 -34.75
N LEU A 41 -2.76 -2.82 -35.11
CA LEU A 41 -3.18 -4.00 -34.37
C LEU A 41 -2.53 -4.03 -33.00
N TYR A 42 -1.30 -3.53 -32.93
CA TYR A 42 -0.56 -3.50 -31.67
C TYR A 42 -1.21 -2.55 -30.67
N LYS A 43 -1.47 -1.32 -31.11
CA LYS A 43 -2.07 -0.32 -30.26
C LYS A 43 -3.50 -0.68 -29.85
N LYS A 44 -3.98 -1.81 -30.36
CA LYS A 44 -5.33 -2.28 -30.05
C LYS A 44 -5.29 -3.55 -29.20
N ASP A 45 -4.17 -4.27 -29.27
CA ASP A 45 -4.02 -5.51 -28.50
C ASP A 45 -2.55 -5.85 -28.30
N SER A 46 -1.89 -5.10 -27.43
CA SER A 46 -0.48 -5.29 -27.12
C SER A 46 -0.18 -6.58 -26.38
N GLU A 47 -1.07 -6.95 -25.48
CA GLU A 47 -0.92 -8.16 -24.66
C GLU A 47 -0.57 -9.41 -25.46
N GLN A 48 -1.46 -9.78 -26.37
CA GLN A 48 -1.27 -10.97 -27.21
C GLN A 48 0.00 -10.95 -28.05
N ILE A 49 0.14 -9.92 -28.87
CA ILE A 49 1.29 -9.80 -29.74
C ILE A 49 2.60 -9.81 -28.96
N SER A 50 2.63 -9.14 -27.82
CA SER A 50 3.85 -9.10 -27.00
C SER A 50 4.16 -10.48 -26.43
N ASN A 51 3.14 -11.15 -25.90
CA ASN A 51 3.35 -12.48 -25.34
C ASN A 51 3.89 -13.42 -26.43
N TYR A 52 3.36 -13.28 -27.64
CA TYR A 52 3.79 -14.10 -28.76
C TYR A 52 5.25 -13.85 -29.11
N SER A 53 5.65 -12.58 -29.16
CA SER A 53 7.02 -12.22 -29.51
C SER A 53 8.04 -12.76 -28.50
N GLN A 54 7.56 -13.22 -27.35
CA GLN A 54 8.46 -13.73 -26.32
C GLN A 54 8.73 -15.23 -26.40
N THR A 55 7.80 -15.99 -26.98
CA THR A 55 7.92 -17.45 -27.05
C THR A 55 7.80 -18.08 -28.44
N ARG A 56 7.65 -17.23 -29.45
CA ARG A 56 7.51 -17.69 -30.84
C ARG A 56 8.58 -18.66 -31.32
N GLN A 57 9.82 -18.46 -30.90
CA GLN A 57 10.93 -19.28 -31.39
C GLN A 57 11.05 -20.73 -30.92
N TYR A 58 10.21 -21.17 -29.98
CA TYR A 58 10.34 -22.52 -29.43
C TYR A 58 9.53 -23.62 -30.06
N PHE A 59 8.72 -23.30 -31.04
CA PHE A 59 7.90 -24.32 -31.68
C PHE A 59 8.59 -24.91 -32.90
N TYR A 60 7.93 -25.85 -33.57
CA TYR A 60 8.51 -26.44 -34.77
C TYR A 60 8.54 -25.36 -35.85
N ASP A 61 9.47 -25.48 -36.79
CA ASP A 61 9.57 -24.52 -37.87
C ASP A 61 8.24 -24.51 -38.61
N TYR A 62 7.63 -25.68 -38.72
CA TYR A 62 6.34 -25.83 -39.39
C TYR A 62 5.24 -25.03 -38.68
N GLN A 63 5.23 -25.08 -37.35
CA GLN A 63 4.23 -24.36 -36.57
C GLN A 63 4.40 -22.85 -36.68
N ILE A 64 5.65 -22.39 -36.63
CA ILE A 64 5.95 -20.97 -36.73
C ILE A 64 5.44 -20.35 -38.02
N GLU A 65 5.73 -20.97 -39.16
CA GLU A 65 5.30 -20.42 -40.44
C GLU A 65 3.79 -20.30 -40.59
N SER A 66 3.03 -21.19 -39.97
CA SER A 66 1.57 -21.15 -40.11
C SER A 66 0.82 -20.49 -38.94
N ASN A 67 1.56 -19.90 -38.01
CA ASN A 67 0.90 -19.25 -36.88
C ASN A 67 0.37 -17.89 -37.35
N PRO A 68 -0.90 -17.59 -37.09
CA PRO A 68 -1.53 -16.33 -37.49
C PRO A 68 -0.75 -15.09 -37.06
N ARG A 69 -0.25 -15.09 -35.84
CA ARG A 69 0.49 -13.95 -35.31
C ARG A 69 1.86 -13.70 -35.92
N GLU A 70 2.42 -14.69 -36.60
CA GLU A 70 3.74 -14.54 -37.20
C GLU A 70 3.82 -13.39 -38.19
N LYS A 71 2.78 -13.23 -39.01
CA LYS A 71 2.77 -12.15 -40.00
C LYS A 71 2.81 -10.79 -39.29
N GLU A 72 2.05 -10.67 -38.20
CA GLU A 72 2.00 -9.45 -37.42
C GLU A 72 3.36 -9.19 -36.79
N TYR A 73 3.94 -10.23 -36.20
CA TYR A 73 5.24 -10.10 -35.55
C TYR A 73 6.31 -9.60 -36.52
N LYS A 74 6.43 -10.25 -37.67
CA LYS A 74 7.43 -9.88 -38.67
C LYS A 74 7.31 -8.44 -39.17
N ASN A 75 6.09 -8.00 -39.46
CA ASN A 75 5.88 -6.64 -39.94
C ASN A 75 6.20 -5.58 -38.88
N LEU A 76 5.84 -5.86 -37.63
CA LEU A 76 6.10 -4.92 -36.54
C LEU A 76 7.61 -4.89 -36.26
N ARG A 77 8.22 -6.08 -36.32
CA ARG A 77 9.65 -6.24 -36.10
C ARG A 77 10.40 -5.41 -37.15
N ASN A 78 9.92 -5.46 -38.40
CA ASN A 78 10.55 -4.71 -39.48
C ASN A 78 10.40 -3.21 -39.31
N ALA A 79 9.21 -2.76 -38.90
CA ALA A 79 8.97 -1.34 -38.68
C ALA A 79 9.92 -0.78 -37.63
N ILE A 80 10.20 -1.56 -36.59
CA ILE A 80 11.09 -1.16 -35.51
C ILE A 80 12.53 -1.03 -35.97
N SER A 81 13.08 -2.12 -36.49
CA SER A 81 14.46 -2.14 -36.97
C SER A 81 14.64 -1.17 -38.13
N LYS A 82 13.52 -0.58 -38.57
CA LYS A 82 13.52 0.39 -39.67
C LYS A 82 14.17 1.69 -39.23
N ASN A 83 13.83 2.14 -38.02
CA ASN A 83 14.36 3.40 -37.48
C ASN A 83 15.42 3.20 -36.41
N LYS A 84 16.68 3.08 -36.83
CA LYS A 84 17.80 2.91 -35.92
C LYS A 84 18.22 4.30 -35.44
N ILE A 85 18.41 4.46 -34.13
CA ILE A 85 18.82 5.75 -33.59
C ILE A 85 20.26 6.06 -33.94
N ASP A 86 20.55 7.34 -34.15
CA ASP A 86 21.90 7.78 -34.51
C ASP A 86 22.82 7.91 -33.31
N LYS A 87 22.22 8.18 -32.15
CA LYS A 87 22.98 8.32 -30.91
C LYS A 87 22.30 7.52 -29.81
N PRO A 88 23.05 7.14 -28.76
CA PRO A 88 22.46 6.36 -27.67
C PRO A 88 21.33 7.13 -27.00
N ILE A 89 20.48 6.41 -26.29
CA ILE A 89 19.39 7.05 -25.57
C ILE A 89 19.08 6.21 -24.36
N ASN A 90 18.66 6.85 -23.28
CA ASN A 90 18.29 6.12 -22.07
C ASN A 90 16.77 6.09 -21.99
N VAL A 91 16.23 4.93 -21.65
CA VAL A 91 14.79 4.80 -21.55
C VAL A 91 14.41 4.42 -20.13
N TYR A 92 13.12 4.54 -19.82
CA TYR A 92 12.60 4.23 -18.49
C TYR A 92 11.34 3.40 -18.59
N TYR A 93 11.23 2.39 -17.75
CA TYR A 93 10.02 1.59 -17.74
C TYR A 93 9.88 0.85 -16.43
N PHE A 94 8.64 0.62 -16.03
CA PHE A 94 8.35 -0.10 -14.80
C PHE A 94 8.28 -1.58 -15.10
N GLU A 95 8.84 -2.35 -14.20
CA GLU A 95 8.84 -3.79 -14.35
C GLU A 95 8.36 -4.46 -13.09
N SER A 96 7.92 -5.70 -13.23
CA SER A 96 7.47 -6.47 -12.08
C SER A 96 8.73 -7.14 -11.53
N PRO A 97 8.91 -7.13 -10.20
CA PRO A 97 10.09 -7.76 -9.60
C PRO A 97 10.20 -9.25 -9.94
N GLU A 98 9.06 -9.88 -10.22
CA GLU A 98 9.05 -11.31 -10.54
C GLU A 98 9.85 -11.57 -11.82
N LYS A 99 9.92 -10.55 -12.67
CA LYS A 99 10.67 -10.66 -13.93
C LYS A 99 12.12 -10.99 -13.62
N PHE A 100 12.59 -10.59 -12.44
CA PHE A 100 13.96 -10.84 -12.05
C PHE A 100 14.12 -11.89 -10.96
N ALA A 101 13.13 -12.76 -10.84
CA ALA A 101 13.15 -13.84 -9.87
C ALA A 101 12.97 -13.38 -8.42
N PHE A 102 12.54 -12.14 -8.23
CA PHE A 102 12.28 -11.66 -6.88
C PHE A 102 10.77 -11.86 -6.74
N ASN A 103 10.40 -13.03 -6.22
CA ASN A 103 9.00 -13.38 -6.08
C ASN A 103 8.37 -12.94 -4.76
N LYS A 104 8.63 -11.68 -4.40
CA LYS A 104 8.10 -11.10 -3.17
C LYS A 104 7.75 -9.64 -3.44
N GLU A 105 7.08 -9.00 -2.49
CA GLU A 105 6.72 -7.60 -2.67
C GLU A 105 7.76 -6.67 -2.07
N ILE A 106 8.09 -5.60 -2.81
CA ILE A 106 9.06 -4.62 -2.34
C ILE A 106 8.37 -3.82 -1.24
N ARG A 107 7.12 -3.46 -1.50
CA ARG A 107 6.28 -2.72 -0.58
C ARG A 107 4.87 -2.67 -1.19
N THR A 108 3.85 -2.53 -0.35
CA THR A 108 2.49 -2.46 -0.86
C THR A 108 2.24 -1.09 -1.47
N GLU A 109 1.14 -0.93 -2.20
CA GLU A 109 0.82 0.34 -2.83
C GLU A 109 0.50 1.44 -1.82
N ASN A 110 0.20 1.05 -0.58
CA ASN A 110 -0.14 2.02 0.46
C ASN A 110 1.07 2.49 1.26
N GLN A 111 2.06 1.63 1.42
CA GLN A 111 3.26 2.01 2.15
C GLN A 111 4.03 3.03 1.31
N ASN A 112 4.81 3.88 1.96
CA ASN A 112 5.58 4.89 1.25
C ASN A 112 7.06 4.57 1.25
N GLU A 113 7.49 3.79 2.24
CA GLU A 113 8.89 3.42 2.38
C GLU A 113 9.19 1.96 2.09
N ILE A 114 10.45 1.68 1.78
CA ILE A 114 10.93 0.34 1.49
C ILE A 114 11.95 -0.03 2.57
N SER A 115 11.70 -1.10 3.30
CA SER A 115 12.59 -1.51 4.38
C SER A 115 14.01 -1.88 3.95
N LEU A 116 14.93 -1.85 4.90
CA LEU A 116 16.32 -2.17 4.67
C LEU A 116 16.45 -3.65 4.29
N GLU A 117 15.68 -4.50 4.97
CA GLU A 117 15.73 -5.92 4.69
C GLU A 117 15.29 -6.23 3.27
N LYS A 118 14.19 -5.63 2.84
CA LYS A 118 13.66 -5.83 1.49
C LYS A 118 14.63 -5.37 0.41
N PHE A 119 15.27 -4.22 0.65
CA PHE A 119 16.21 -3.64 -0.28
C PHE A 119 17.46 -4.52 -0.44
N ASN A 120 17.94 -5.06 0.67
CA ASN A 120 19.12 -5.92 0.64
C ASN A 120 18.82 -7.25 -0.04
N GLU A 121 17.63 -7.79 0.22
CA GLU A 121 17.22 -9.04 -0.37
C GLU A 121 17.05 -8.90 -1.88
N LEU A 122 16.54 -7.75 -2.31
CA LEU A 122 16.36 -7.50 -3.74
C LEU A 122 17.73 -7.33 -4.39
N LYS A 123 18.59 -6.60 -3.70
CA LYS A 123 19.95 -6.34 -4.16
C LYS A 123 20.71 -7.64 -4.41
N GLU A 124 20.61 -8.56 -3.45
CA GLU A 124 21.29 -9.85 -3.55
C GLU A 124 20.68 -10.76 -4.61
N THR A 125 19.39 -10.57 -4.89
CA THR A 125 18.70 -11.39 -5.89
C THR A 125 19.01 -10.96 -7.31
N ILE A 126 19.10 -9.65 -7.53
CA ILE A 126 19.39 -9.14 -8.87
C ILE A 126 20.75 -8.47 -8.92
N GLN A 127 21.73 -9.07 -8.25
CA GLN A 127 23.08 -8.53 -8.21
C GLN A 127 23.91 -8.86 -9.45
N ASP A 128 24.70 -9.92 -9.39
CA ASP A 128 25.54 -10.33 -10.51
C ASP A 128 24.85 -11.36 -11.39
N LYS A 129 23.86 -10.92 -12.15
CA LYS A 129 23.13 -11.82 -13.03
C LYS A 129 22.76 -11.17 -14.36
N LEU A 130 22.80 -11.96 -15.41
CA LEU A 130 22.42 -11.47 -16.73
C LEU A 130 21.03 -12.05 -16.98
N PHE A 131 20.05 -11.19 -17.20
CA PHE A 131 18.70 -11.66 -17.45
C PHE A 131 18.35 -11.47 -18.91
N LYS A 132 18.03 -12.54 -19.62
CA LYS A 132 17.67 -12.43 -21.02
C LYS A 132 16.31 -11.78 -21.20
N GLN A 133 16.25 -10.79 -22.09
CA GLN A 133 15.01 -10.08 -22.36
C GLN A 133 14.62 -10.32 -23.81
N ASP A 134 13.33 -10.57 -24.05
CA ASP A 134 12.82 -10.81 -25.40
C ASP A 134 11.45 -10.19 -25.60
N GLY A 135 11.11 -9.91 -26.86
CA GLY A 135 9.80 -9.38 -27.15
C GLY A 135 9.65 -7.89 -27.19
N PHE A 136 8.49 -7.45 -27.67
CA PHE A 136 8.18 -6.04 -27.78
C PHE A 136 7.95 -5.47 -26.40
N LYS A 137 8.31 -4.21 -26.23
CA LYS A 137 8.11 -3.55 -24.95
C LYS A 137 7.93 -2.05 -25.16
N ASP A 138 7.00 -1.46 -24.42
CA ASP A 138 6.78 -0.03 -24.51
C ASP A 138 7.60 0.64 -23.43
N VAL A 139 8.37 1.65 -23.82
CA VAL A 139 9.22 2.35 -22.86
C VAL A 139 8.97 3.85 -22.92
N SER A 140 9.49 4.56 -21.93
CA SER A 140 9.30 6.02 -21.88
C SER A 140 10.66 6.69 -21.98
N LEU A 141 10.67 7.92 -22.51
CA LEU A 141 11.90 8.68 -22.69
C LEU A 141 12.26 9.61 -21.52
N TYR A 142 11.39 9.66 -20.52
CA TYR A 142 11.66 10.48 -19.36
C TYR A 142 11.34 9.73 -18.07
N GLU A 143 11.88 10.22 -16.96
CA GLU A 143 11.64 9.60 -15.67
C GLU A 143 10.24 9.95 -15.21
N PRO A 144 9.42 8.94 -14.87
CA PRO A 144 8.05 9.14 -14.42
C PRO A 144 7.95 10.13 -13.26
N GLY A 145 6.89 10.92 -13.25
CA GLY A 145 6.72 11.89 -12.18
C GLY A 145 5.26 12.10 -11.81
N ASN A 146 4.96 13.27 -11.28
CA ASN A 146 3.62 13.63 -10.87
C ASN A 146 2.62 13.47 -12.03
N GLY A 147 1.63 12.60 -11.84
CA GLY A 147 0.63 12.39 -12.87
C GLY A 147 0.84 11.21 -13.79
N ASP A 148 2.04 10.65 -13.77
CA ASP A 148 2.35 9.50 -14.62
C ASP A 148 1.99 8.19 -13.93
N GLU A 149 1.74 7.16 -14.73
CA GLU A 149 1.41 5.85 -14.19
C GLU A 149 2.65 5.17 -13.62
N LYS A 150 2.52 4.63 -12.41
CA LYS A 150 3.62 3.95 -11.75
C LYS A 150 3.10 2.61 -11.23
N PRO A 151 2.88 1.66 -12.15
CA PRO A 151 2.36 0.30 -11.91
C PRO A 151 3.06 -0.54 -10.84
N THR A 152 4.36 -0.34 -10.66
CA THR A 152 5.10 -1.14 -9.67
C THR A 152 6.12 -0.27 -8.96
N PRO A 153 6.77 -0.83 -7.93
CA PRO A 153 7.78 -0.08 -7.19
C PRO A 153 9.18 -0.21 -7.78
N LEU A 154 9.27 -0.84 -8.95
CA LEU A 154 10.57 -1.05 -9.60
C LEU A 154 10.65 -0.35 -10.95
N LEU A 155 11.55 0.61 -11.07
CA LEU A 155 11.74 1.38 -12.30
C LEU A 155 13.11 1.05 -12.90
N ILE A 156 13.12 0.71 -14.19
CA ILE A 156 14.36 0.36 -14.86
C ILE A 156 14.84 1.53 -15.71
N HIS A 157 16.11 1.88 -15.58
CA HIS A 157 16.73 2.97 -16.33
C HIS A 157 17.78 2.28 -17.19
N LEU A 158 17.46 2.11 -18.47
CA LEU A 158 18.31 1.38 -19.40
C LEU A 158 18.87 2.22 -20.55
N LYS A 159 20.17 2.10 -20.80
CA LYS A 159 20.77 2.84 -21.90
C LYS A 159 20.85 1.95 -23.14
N LEU A 160 20.28 2.42 -24.25
CA LEU A 160 20.29 1.67 -25.49
C LEU A 160 21.40 2.18 -26.40
N PRO A 161 22.20 1.27 -26.96
CA PRO A 161 23.32 1.54 -27.87
C PRO A 161 22.97 2.31 -29.13
N LYS A 162 24.01 2.86 -29.73
CA LYS A 162 23.93 3.67 -30.95
C LYS A 162 22.90 3.26 -32.00
N ASN A 163 23.02 2.08 -32.58
CA ASN A 163 22.08 1.67 -33.63
C ASN A 163 20.92 0.76 -33.22
N THR A 164 20.25 1.10 -32.13
CA THR A 164 19.12 0.33 -31.64
C THR A 164 17.85 0.77 -32.37
N GLY A 165 17.02 -0.19 -32.76
CA GLY A 165 15.77 0.14 -33.41
C GLY A 165 14.80 0.69 -32.39
N MET A 166 14.10 1.77 -32.73
CA MET A 166 13.14 2.38 -31.82
C MET A 166 12.01 3.01 -32.60
N LEU A 167 10.76 2.69 -32.23
CA LEU A 167 9.61 3.22 -32.94
C LEU A 167 8.67 4.13 -32.15
N PRO A 168 8.84 5.46 -32.31
CA PRO A 168 7.98 6.40 -31.60
C PRO A 168 6.63 6.38 -32.32
N TYR A 169 5.54 6.25 -31.58
CA TYR A 169 4.24 6.23 -32.23
C TYR A 169 3.18 6.93 -31.38
N ILE A 170 2.13 7.41 -32.05
CA ILE A 170 1.05 8.09 -31.37
C ILE A 170 -0.18 7.21 -31.38
N ASN A 171 -0.74 6.95 -30.20
CA ASN A 171 -1.92 6.11 -30.09
C ASN A 171 -3.15 7.03 -30.10
N SER A 172 -3.64 7.37 -28.91
CA SER A 172 -4.79 8.26 -28.81
C SER A 172 -4.28 9.70 -28.90
N ASN A 173 -3.78 10.22 -27.79
CA ASN A 173 -3.27 11.58 -27.77
C ASN A 173 -1.85 11.64 -27.21
N ASP A 174 -1.45 10.60 -26.47
CA ASP A 174 -0.11 10.55 -25.89
C ASP A 174 0.86 9.79 -26.79
N VAL A 175 2.14 10.16 -26.71
CA VAL A 175 3.18 9.52 -27.50
C VAL A 175 3.76 8.32 -26.76
N LYS A 176 4.10 7.28 -27.51
CA LYS A 176 4.68 6.08 -26.90
C LYS A 176 5.91 5.62 -27.69
N THR A 177 6.70 4.75 -27.07
CA THR A 177 7.92 4.24 -27.70
C THR A 177 7.96 2.72 -27.64
N LEU A 178 8.12 2.09 -28.81
CA LEU A 178 8.17 0.64 -28.90
C LEU A 178 9.56 0.17 -29.30
N ILE A 179 10.07 -0.85 -28.62
CA ILE A 179 11.36 -1.43 -28.95
C ILE A 179 11.20 -2.93 -28.93
N GLU A 180 12.18 -3.66 -29.46
CA GLU A 180 12.11 -5.11 -29.40
C GLU A 180 13.36 -5.54 -28.65
N GLN A 181 13.15 -6.20 -27.52
CA GLN A 181 14.27 -6.66 -26.72
C GLN A 181 14.87 -7.91 -27.39
N ASP A 182 16.19 -7.94 -27.49
CA ASP A 182 16.90 -9.07 -28.10
C ASP A 182 18.29 -9.06 -27.51
N TYR A 183 18.35 -8.99 -26.18
CA TYR A 183 19.63 -8.94 -25.48
C TYR A 183 19.45 -9.39 -24.03
N SER A 184 20.53 -9.27 -23.26
CA SER A 184 20.49 -9.59 -21.84
C SER A 184 20.75 -8.29 -21.09
N ILE A 185 20.17 -8.14 -19.91
CA ILE A 185 20.39 -6.94 -19.12
C ILE A 185 21.11 -7.29 -17.82
N LYS A 186 21.98 -6.37 -17.38
CA LYS A 186 22.69 -6.54 -16.13
C LYS A 186 22.32 -5.35 -15.26
N ILE A 187 21.96 -5.59 -14.02
CA ILE A 187 21.61 -4.49 -13.12
C ILE A 187 22.90 -4.13 -12.36
N ASP A 188 23.46 -2.99 -12.72
CA ASP A 188 24.71 -2.49 -12.14
C ASP A 188 24.57 -1.87 -10.76
N LYS A 189 23.44 -1.20 -10.52
CA LYS A 189 23.22 -0.55 -9.25
C LYS A 189 21.75 -0.22 -9.02
N ILE A 190 21.31 -0.33 -7.78
CA ILE A 190 19.93 0.01 -7.45
C ILE A 190 19.96 1.08 -6.37
N VAL A 191 19.10 2.07 -6.50
CA VAL A 191 19.03 3.16 -5.55
C VAL A 191 17.57 3.52 -5.28
N ARG A 192 17.31 4.10 -4.12
CA ARG A 192 15.96 4.52 -3.77
C ARG A 192 15.76 5.93 -4.28
N ILE A 193 14.58 6.19 -4.83
CA ILE A 193 14.24 7.53 -5.29
C ILE A 193 12.84 7.78 -4.80
N VAL A 194 12.49 9.03 -4.57
CA VAL A 194 11.15 9.36 -4.09
C VAL A 194 10.35 10.12 -5.15
N ILE A 195 9.14 9.65 -5.41
CA ILE A 195 8.26 10.28 -6.39
C ILE A 195 6.88 10.48 -5.77
N GLU A 196 6.54 11.72 -5.45
CA GLU A 196 5.25 12.04 -4.84
C GLU A 196 5.06 11.41 -3.47
N GLY A 197 6.08 11.51 -2.63
CA GLY A 197 5.99 10.96 -1.28
C GLY A 197 6.25 9.47 -1.13
N LYS A 198 6.30 8.74 -2.24
CA LYS A 198 6.55 7.30 -2.19
C LYS A 198 7.93 6.92 -2.72
N GLN A 199 8.53 5.91 -2.09
CA GLN A 199 9.85 5.45 -2.51
C GLN A 199 9.72 4.38 -3.59
N TYR A 200 10.62 4.44 -4.56
CA TYR A 200 10.65 3.49 -5.66
C TYR A 200 12.09 3.06 -5.82
N ILE A 201 12.30 1.86 -6.33
CA ILE A 201 13.65 1.37 -6.56
C ILE A 201 13.97 1.75 -8.01
N LYS A 202 15.09 2.41 -8.22
CA LYS A 202 15.51 2.76 -9.57
C LYS A 202 16.71 1.85 -9.86
N ALA A 203 16.60 1.03 -10.88
CA ALA A 203 17.68 0.11 -11.22
C ALA A 203 18.41 0.57 -12.47
N GLU A 204 19.72 0.80 -12.32
CA GLU A 204 20.55 1.23 -13.43
C GLU A 204 20.91 -0.06 -14.15
N ALA A 205 20.50 -0.18 -15.40
CA ALA A 205 20.77 -1.39 -16.16
C ALA A 205 21.57 -1.16 -17.43
N SER A 206 22.35 -2.15 -17.80
CA SER A 206 23.17 -2.08 -19.00
C SER A 206 22.88 -3.29 -19.88
N ILE A 207 23.08 -3.12 -21.19
CA ILE A 207 22.85 -4.20 -22.15
C ILE A 207 24.11 -5.04 -22.40
N VAL A 208 23.93 -6.35 -22.50
CA VAL A 208 25.02 -7.26 -22.81
C VAL A 208 24.52 -7.98 -24.06
N ASN A 209 25.21 -7.77 -25.18
CA ASN A 209 24.80 -8.39 -26.45
C ASN A 209 25.39 -9.77 -26.66
N SER A 210 24.62 -10.62 -27.32
CA SER A 210 25.06 -11.97 -27.64
C SER A 210 24.36 -12.45 -28.90
N LEU A 211 25.04 -13.28 -29.67
CA LEU A 211 24.48 -13.84 -30.88
C LEU A 211 23.40 -14.84 -30.47
N ASP A 212 22.18 -14.66 -30.97
CA ASP A 212 21.09 -15.58 -30.64
C ASP A 212 20.34 -15.82 -31.93
N PHE A 213 20.56 -16.97 -32.56
CA PHE A 213 19.92 -17.26 -33.84
C PHE A 213 18.46 -17.63 -33.72
N LYS A 214 18.04 -18.02 -32.52
CA LYS A 214 16.65 -18.39 -32.29
C LYS A 214 16.17 -19.41 -33.32
N ASP A 215 15.06 -19.16 -34.00
CA ASP A 215 14.57 -20.12 -34.99
C ASP A 215 15.35 -20.17 -36.30
N ASP A 216 16.19 -19.17 -36.56
CA ASP A 216 16.94 -19.14 -37.81
C ASP A 216 18.13 -20.09 -37.81
N VAL A 217 17.86 -21.39 -37.85
CA VAL A 217 18.93 -22.38 -37.83
C VAL A 217 19.86 -22.33 -39.04
N SER A 218 19.36 -21.86 -40.17
CA SER A 218 20.20 -21.77 -41.36
C SER A 218 21.30 -20.72 -41.22
N LYS A 219 20.98 -19.58 -40.61
CA LYS A 219 22.00 -18.55 -40.42
C LYS A 219 22.99 -19.00 -39.35
N GLY A 220 22.49 -19.68 -38.33
CA GLY A 220 23.39 -20.15 -37.28
C GLY A 220 24.34 -21.20 -37.83
N ASP A 221 23.84 -22.07 -38.71
CA ASP A 221 24.67 -23.09 -39.29
C ASP A 221 25.79 -22.47 -40.12
N LEU A 222 25.46 -21.38 -40.83
CA LEU A 222 26.44 -20.68 -41.67
C LEU A 222 27.54 -20.10 -40.77
N TRP A 223 27.13 -19.56 -39.63
CA TRP A 223 28.09 -18.98 -38.68
C TRP A 223 28.96 -20.09 -38.11
N GLY A 224 28.34 -21.21 -37.76
CA GLY A 224 29.07 -22.34 -37.21
C GLY A 224 30.09 -22.91 -38.19
N LYS A 225 29.71 -23.02 -39.46
CA LYS A 225 30.60 -23.57 -40.48
C LYS A 225 31.77 -22.61 -40.74
N GLU A 226 31.46 -21.32 -40.76
CA GLU A 226 32.47 -20.29 -41.01
C GLU A 226 33.57 -20.25 -39.95
N ASN A 227 33.20 -20.49 -38.71
CA ASN A 227 34.18 -20.46 -37.62
C ASN A 227 34.83 -21.79 -37.26
N TYR A 228 34.24 -22.89 -37.69
CA TYR A 228 34.79 -24.21 -37.39
C TYR A 228 35.02 -25.12 -38.59
N SER A 229 34.97 -24.56 -39.79
CA SER A 229 35.18 -25.37 -40.99
C SER A 229 36.50 -26.13 -40.95
N ASP A 230 37.55 -25.48 -40.46
CA ASP A 230 38.87 -26.09 -40.40
C ASP A 230 39.29 -26.59 -39.01
N TRP A 231 38.34 -26.62 -38.09
CA TRP A 231 38.63 -27.08 -36.74
C TRP A 231 39.24 -28.49 -36.75
N SER A 232 38.63 -29.38 -37.54
CA SER A 232 39.12 -30.76 -37.64
C SER A 232 40.53 -30.81 -38.22
N ASN A 233 40.82 -29.91 -39.15
CA ASN A 233 42.13 -29.84 -39.80
C ASN A 233 43.25 -29.33 -38.91
N LYS A 234 42.91 -28.88 -37.70
CA LYS A 234 43.92 -28.34 -36.79
C LYS A 234 44.21 -29.25 -35.61
N LEU A 235 43.45 -30.34 -35.52
CA LEU A 235 43.63 -31.30 -34.44
C LEU A 235 44.71 -32.32 -34.79
N THR A 236 45.42 -32.80 -33.78
CA THR A 236 46.45 -33.81 -33.99
C THR A 236 45.71 -35.11 -34.27
N PRO A 237 46.42 -36.11 -34.82
CA PRO A 237 45.81 -37.41 -35.13
C PRO A 237 45.10 -38.05 -33.95
N ASN A 238 45.71 -37.96 -32.76
CA ASN A 238 45.12 -38.53 -31.55
C ASN A 238 43.83 -37.83 -31.16
N GLU A 239 43.87 -36.49 -31.17
CA GLU A 239 42.71 -35.69 -30.82
C GLU A 239 41.56 -35.90 -31.79
N LEU A 240 41.87 -35.99 -33.08
CA LEU A 240 40.84 -36.20 -34.09
C LEU A 240 40.20 -37.57 -33.91
N ALA A 241 41.02 -38.57 -33.60
CA ALA A 241 40.52 -39.94 -33.40
C ALA A 241 39.60 -40.02 -32.18
N ASP A 242 39.95 -39.31 -31.11
CA ASP A 242 39.12 -39.34 -29.91
C ASP A 242 37.82 -38.58 -30.10
N VAL A 243 37.87 -37.49 -30.84
CA VAL A 243 36.66 -36.71 -31.10
C VAL A 243 35.75 -37.57 -31.98
N ASN A 244 36.35 -38.27 -32.94
CA ASN A 244 35.60 -39.13 -33.84
C ASN A 244 34.97 -40.27 -33.05
N ASP A 245 35.72 -40.89 -32.16
CA ASP A 245 35.20 -41.99 -31.36
C ASP A 245 34.01 -41.50 -30.54
N TYR A 246 34.17 -40.33 -29.93
CA TYR A 246 33.12 -39.74 -29.12
C TYR A 246 31.82 -39.58 -29.91
N MET A 247 31.93 -39.04 -31.12
CA MET A 247 30.76 -38.83 -31.97
C MET A 247 30.20 -40.11 -32.57
N ARG A 248 31.08 -41.09 -32.74
CA ARG A 248 30.74 -42.39 -33.32
C ARG A 248 30.07 -43.36 -32.34
N GLY A 249 29.72 -42.87 -31.16
CA GLY A 249 29.08 -43.72 -30.17
C GLY A 249 29.83 -43.86 -28.86
N GLY A 250 31.04 -43.30 -28.80
CA GLY A 250 31.81 -43.40 -27.57
C GLY A 250 31.32 -42.46 -26.48
N TYR A 251 30.44 -41.53 -26.85
CA TYR A 251 29.91 -40.57 -25.89
C TYR A 251 29.22 -41.22 -24.69
N THR A 252 28.52 -42.32 -24.94
CA THR A 252 27.81 -42.98 -23.84
C THR A 252 28.75 -43.47 -22.74
N ALA A 253 29.83 -44.15 -23.11
CA ALA A 253 30.79 -44.67 -22.15
C ALA A 253 31.53 -43.52 -21.47
N ILE A 254 31.99 -42.57 -22.26
CA ILE A 254 32.72 -41.42 -21.72
C ILE A 254 31.85 -40.65 -20.73
N ASN A 255 30.67 -40.24 -21.16
CA ASN A 255 29.80 -39.47 -20.27
C ASN A 255 29.31 -40.24 -19.05
N ASN A 256 29.10 -41.55 -19.19
CA ASN A 256 28.65 -42.35 -18.05
C ASN A 256 29.80 -42.41 -17.04
N TYR A 257 31.03 -42.49 -17.54
CA TYR A 257 32.22 -42.54 -16.71
C TYR A 257 32.31 -41.26 -15.88
N LEU A 258 32.06 -40.12 -16.52
CA LEU A 258 32.11 -38.85 -15.82
C LEU A 258 30.94 -38.65 -14.84
N ILE A 259 29.74 -39.03 -15.26
CA ILE A 259 28.57 -38.88 -14.40
C ILE A 259 28.66 -39.70 -13.11
N SER A 260 29.24 -40.90 -13.21
CA SER A 260 29.38 -41.76 -12.04
C SER A 260 30.68 -41.50 -11.28
N ASN A 261 31.30 -40.36 -11.55
CA ASN A 261 32.56 -39.99 -10.89
C ASN A 261 33.65 -41.03 -11.03
N GLY A 262 33.80 -41.58 -12.23
CA GLY A 262 34.82 -42.57 -12.47
C GLY A 262 36.22 -42.06 -12.19
N PRO A 263 36.55 -40.82 -12.62
CA PRO A 263 37.88 -40.27 -12.38
C PRO A 263 38.29 -40.26 -10.90
N LEU A 264 37.31 -40.48 -10.02
CA LEU A 264 37.55 -40.51 -8.59
C LEU A 264 36.60 -41.50 -7.92
N ASN A 265 36.81 -42.79 -8.19
CA ASN A 265 35.98 -43.85 -7.63
C ASN A 265 36.27 -45.16 -8.38
N ASN A 266 36.86 -45.01 -9.56
CA ASN A 266 37.20 -46.15 -10.42
C ASN A 266 37.99 -45.59 -11.60
N PRO A 267 39.15 -44.98 -11.33
CA PRO A 267 40.02 -44.39 -12.36
C PRO A 267 40.26 -45.31 -13.56
N ASN A 268 39.98 -44.78 -14.75
CA ASN A 268 40.18 -45.52 -15.99
C ASN A 268 41.13 -44.74 -16.88
N PRO A 269 42.41 -45.13 -16.90
CA PRO A 269 43.45 -44.48 -17.71
C PRO A 269 43.09 -44.25 -19.17
N GLU A 270 42.47 -45.26 -19.79
CA GLU A 270 42.09 -45.16 -21.19
C GLU A 270 41.04 -44.07 -21.42
N LEU A 271 40.06 -43.97 -20.53
CA LEU A 271 39.02 -42.97 -20.66
C LEU A 271 39.51 -41.58 -20.29
N ASP A 272 40.39 -41.47 -19.30
CA ASP A 272 40.90 -40.17 -18.90
C ASP A 272 41.68 -39.53 -20.03
N SER A 273 42.33 -40.37 -20.84
CA SER A 273 43.11 -39.88 -21.98
C SER A 273 42.19 -39.25 -23.02
N LYS A 274 41.09 -39.93 -23.32
CA LYS A 274 40.12 -39.43 -24.29
C LYS A 274 39.49 -38.12 -23.80
N VAL A 275 39.17 -38.07 -22.51
CA VAL A 275 38.56 -36.87 -21.95
C VAL A 275 39.52 -35.69 -22.10
N ASN A 276 40.79 -35.94 -21.84
CA ASN A 276 41.80 -34.90 -21.94
C ASN A 276 41.94 -34.39 -23.36
N ASN A 277 41.97 -35.30 -24.33
CA ASN A 277 42.11 -34.88 -25.73
C ASN A 277 40.89 -34.11 -26.23
N ILE A 278 39.70 -34.55 -25.83
CA ILE A 278 38.49 -33.87 -26.26
C ILE A 278 38.42 -32.48 -25.62
N GLU A 279 38.75 -32.39 -24.34
CA GLU A 279 38.75 -31.10 -23.66
C GLU A 279 39.74 -30.13 -24.33
N ASN A 280 40.94 -30.61 -24.65
CA ASN A 280 41.93 -29.78 -25.31
C ASN A 280 41.45 -29.35 -26.68
N ALA A 281 40.72 -30.24 -27.37
CA ALA A 281 40.19 -29.93 -28.69
C ALA A 281 39.15 -28.81 -28.60
N LEU A 282 38.38 -28.81 -27.52
CA LEU A 282 37.36 -27.77 -27.34
C LEU A 282 37.98 -26.42 -27.00
N LYS A 283 39.22 -26.43 -26.52
CA LYS A 283 39.90 -25.19 -26.18
C LYS A 283 40.76 -24.64 -27.31
N LEU A 284 40.85 -25.38 -28.42
CA LEU A 284 41.64 -24.94 -29.56
C LEU A 284 41.09 -23.69 -30.22
N THR A 285 39.78 -23.69 -30.49
CA THR A 285 39.14 -22.53 -31.11
C THR A 285 37.95 -22.17 -30.23
N PRO A 286 38.18 -21.41 -29.14
CA PRO A 286 37.09 -21.02 -28.24
C PRO A 286 35.97 -20.27 -28.97
N ILE A 287 34.76 -20.34 -28.41
CA ILE A 287 33.61 -19.65 -28.98
C ILE A 287 34.02 -18.19 -29.19
N PRO A 288 34.01 -17.73 -30.46
CA PRO A 288 34.38 -16.39 -30.95
C PRO A 288 33.68 -15.16 -30.38
N SER A 289 32.47 -15.32 -29.87
CA SER A 289 31.76 -14.20 -29.29
C SER A 289 30.69 -14.71 -28.33
N ASN A 290 30.03 -13.80 -27.62
CA ASN A 290 28.98 -14.20 -26.69
C ASN A 290 27.96 -14.90 -27.57
N LEU A 291 27.47 -16.04 -27.09
CA LEU A 291 26.53 -16.83 -27.88
C LEU A 291 25.45 -17.48 -27.02
N ILE A 292 24.24 -17.58 -27.55
CA ILE A 292 23.17 -18.25 -26.82
C ILE A 292 22.93 -19.60 -27.48
N VAL A 293 22.90 -20.68 -26.69
CA VAL A 293 22.60 -22.01 -27.24
C VAL A 293 21.41 -22.58 -26.48
N TYR A 294 20.85 -23.65 -27.02
CA TYR A 294 19.67 -24.24 -26.44
C TYR A 294 19.80 -25.74 -26.22
N ARG A 295 19.27 -26.23 -25.11
CA ARG A 295 19.31 -27.66 -24.88
C ARG A 295 17.97 -28.09 -24.33
N ARG A 296 17.39 -29.13 -24.91
CA ARG A 296 16.13 -29.63 -24.39
C ARG A 296 16.55 -30.77 -23.49
N SER A 297 16.38 -30.55 -22.20
CA SER A 297 16.79 -31.51 -21.19
C SER A 297 15.79 -32.59 -20.84
N GLY A 298 16.32 -33.76 -20.47
CA GLY A 298 15.47 -34.85 -20.05
C GLY A 298 15.25 -34.67 -18.56
N PRO A 299 14.20 -35.26 -17.98
CA PRO A 299 13.95 -35.10 -16.54
C PRO A 299 15.11 -35.50 -15.62
N GLN A 300 15.87 -36.52 -16.00
CA GLN A 300 16.99 -37.01 -15.19
C GLN A 300 18.03 -35.94 -14.89
N GLU A 301 18.18 -34.98 -15.79
CA GLU A 301 19.16 -33.92 -15.59
C GLU A 301 18.78 -33.05 -14.40
N PHE A 302 17.51 -33.10 -14.02
CA PHE A 302 17.03 -32.28 -12.89
C PHE A 302 16.41 -33.09 -11.75
N GLY A 303 16.92 -34.30 -11.54
CA GLY A 303 16.44 -35.16 -10.47
C GLY A 303 15.01 -35.66 -10.56
N LEU A 304 14.48 -35.76 -11.77
CA LEU A 304 13.12 -36.24 -11.96
C LEU A 304 13.12 -37.42 -12.91
N THR A 305 11.95 -38.04 -13.06
CA THR A 305 11.79 -39.17 -13.97
C THR A 305 10.57 -38.88 -14.81
N LEU A 306 10.43 -39.57 -15.94
CA LEU A 306 9.30 -39.36 -16.83
C LEU A 306 7.97 -39.54 -16.11
N THR A 307 7.95 -40.37 -15.07
CA THR A 307 6.74 -40.64 -14.30
C THR A 307 6.56 -39.77 -13.05
N SER A 308 7.63 -39.13 -12.58
CA SER A 308 7.54 -38.29 -11.39
C SER A 308 6.34 -37.36 -11.43
N PRO A 309 5.58 -37.30 -10.32
CA PRO A 309 4.39 -36.44 -10.24
C PRO A 309 4.77 -34.95 -10.39
N GLU A 310 5.93 -34.58 -9.87
CA GLU A 310 6.41 -33.20 -9.92
C GLU A 310 6.82 -32.78 -11.32
N TYR A 311 6.88 -33.73 -12.24
CA TYR A 311 7.28 -33.46 -13.63
C TYR A 311 6.11 -32.95 -14.47
N ASP A 312 4.92 -32.89 -13.89
CA ASP A 312 3.76 -32.41 -14.62
C ASP A 312 3.58 -30.92 -14.35
N PHE A 313 4.18 -30.10 -15.21
CA PHE A 313 4.10 -28.66 -15.05
C PHE A 313 2.76 -28.06 -15.46
N ASN A 314 1.81 -28.91 -15.82
CA ASN A 314 0.48 -28.42 -16.19
C ASN A 314 -0.20 -27.94 -14.91
N LYS A 315 0.35 -28.36 -13.78
CA LYS A 315 -0.16 -27.95 -12.47
C LYS A 315 0.83 -26.90 -11.93
N ILE A 316 0.34 -25.69 -11.67
CA ILE A 316 1.20 -24.62 -11.19
C ILE A 316 1.99 -24.97 -9.93
N GLU A 317 1.46 -25.87 -9.11
CA GLU A 317 2.15 -26.27 -7.88
C GLU A 317 3.52 -26.83 -8.22
N ASN A 318 3.57 -27.62 -9.30
CA ASN A 318 4.82 -28.25 -9.71
C ASN A 318 5.84 -27.28 -10.27
N ILE A 319 5.37 -26.15 -10.80
CA ILE A 319 6.29 -25.15 -11.33
C ILE A 319 6.92 -24.41 -10.14
N ASP A 320 6.09 -24.06 -9.16
CA ASP A 320 6.58 -23.36 -7.98
C ASP A 320 7.60 -24.22 -7.24
N ALA A 321 7.36 -25.53 -7.22
CA ALA A 321 8.28 -26.45 -6.56
C ALA A 321 9.62 -26.46 -7.29
N PHE A 322 9.55 -26.43 -8.61
CA PHE A 322 10.76 -26.43 -9.44
C PHE A 322 11.58 -25.17 -9.21
N LYS A 323 10.91 -24.02 -9.20
CA LYS A 323 11.60 -22.75 -9.00
C LYS A 323 12.28 -22.66 -7.65
N GLU A 324 11.62 -23.17 -6.61
CA GLU A 324 12.19 -23.11 -5.27
C GLU A 324 13.49 -23.91 -5.19
N LYS A 325 13.55 -25.00 -5.96
CA LYS A 325 14.73 -25.86 -5.95
C LYS A 325 15.85 -25.42 -6.89
N TRP A 326 15.50 -24.92 -8.07
CA TRP A 326 16.50 -24.53 -9.06
C TRP A 326 16.74 -23.06 -9.39
N GLU A 327 15.73 -22.21 -9.22
CA GLU A 327 15.92 -20.81 -9.58
C GLU A 327 16.93 -20.09 -8.70
N GLY A 328 17.93 -19.50 -9.34
CA GLY A 328 18.96 -18.78 -8.62
C GLY A 328 20.10 -19.70 -8.21
N LYS A 329 19.93 -21.00 -8.49
CA LYS A 329 20.93 -22.00 -8.14
C LYS A 329 21.88 -22.30 -9.30
N VAL A 330 22.89 -23.11 -9.01
CA VAL A 330 23.87 -23.50 -10.00
C VAL A 330 23.84 -25.02 -10.19
N ILE A 331 23.78 -25.46 -11.45
CA ILE A 331 23.76 -26.88 -11.77
C ILE A 331 25.08 -27.22 -12.45
N THR A 332 25.68 -28.34 -12.04
CA THR A 332 26.95 -28.77 -12.61
C THR A 332 26.78 -30.02 -13.47
N TYR A 333 27.33 -29.98 -14.67
CA TYR A 333 27.27 -31.11 -15.59
C TYR A 333 28.65 -31.78 -15.64
N PRO A 334 28.78 -32.98 -15.07
CA PRO A 334 30.06 -33.70 -15.08
C PRO A 334 30.44 -34.14 -16.49
N ASN A 335 29.43 -34.43 -17.30
CA ASN A 335 29.62 -34.88 -18.66
C ASN A 335 29.79 -33.75 -19.67
N PHE A 336 30.23 -34.11 -20.89
CA PHE A 336 30.34 -33.13 -21.96
C PHE A 336 28.88 -32.91 -22.29
N ILE A 337 28.52 -31.69 -22.65
CA ILE A 337 27.13 -31.38 -22.92
C ILE A 337 26.87 -30.83 -24.32
N SER A 338 25.94 -31.48 -25.00
CA SER A 338 25.56 -31.08 -26.35
C SER A 338 24.41 -30.06 -26.33
N THR A 339 24.53 -29.03 -27.16
CA THR A 339 23.51 -27.99 -27.27
C THR A 339 23.28 -27.71 -28.74
N SER A 340 22.24 -26.94 -29.04
CA SER A 340 21.91 -26.58 -30.43
C SER A 340 21.99 -25.07 -30.60
N ILE A 341 22.37 -24.60 -31.79
CA ILE A 341 22.42 -23.16 -32.02
C ILE A 341 21.03 -22.61 -32.34
N GLY A 342 20.06 -23.51 -32.45
CA GLY A 342 18.68 -23.15 -32.75
C GLY A 342 17.71 -23.48 -31.63
N SER A 343 16.67 -22.65 -31.50
CA SER A 343 15.67 -22.82 -30.45
C SER A 343 14.45 -23.65 -30.83
N VAL A 344 14.27 -23.91 -32.13
CA VAL A 344 13.12 -24.66 -32.60
C VAL A 344 13.02 -26.08 -32.07
N ASN A 345 11.79 -26.51 -31.86
CA ASN A 345 11.52 -27.87 -31.37
C ASN A 345 11.88 -28.83 -32.51
N MET A 346 12.25 -30.05 -32.15
CA MET A 346 12.60 -31.05 -33.14
C MET A 346 12.12 -32.42 -32.70
N SER A 347 11.87 -33.29 -33.67
CA SER A 347 11.42 -34.64 -33.36
C SER A 347 12.52 -35.23 -32.49
N ALA A 348 12.17 -36.21 -31.66
CA ALA A 348 13.14 -36.84 -30.77
C ALA A 348 13.24 -36.08 -29.45
N PHE A 349 12.98 -34.76 -29.50
CA PHE A 349 13.02 -33.93 -28.30
C PHE A 349 11.64 -33.34 -28.08
N ALA A 350 10.73 -33.60 -29.01
CA ALA A 350 9.37 -33.08 -28.92
C ALA A 350 8.73 -33.26 -27.56
N LYS A 351 9.02 -34.37 -26.89
CA LYS A 351 8.42 -34.64 -25.59
C LYS A 351 9.11 -34.04 -24.36
N ARG A 352 10.31 -33.49 -24.53
CA ARG A 352 11.00 -32.92 -23.38
C ARG A 352 10.36 -31.61 -22.95
N LYS A 353 10.27 -31.40 -21.64
CA LYS A 353 9.62 -30.22 -21.09
C LYS A 353 10.50 -29.13 -20.52
N ILE A 354 11.81 -29.35 -20.48
CA ILE A 354 12.71 -28.36 -19.92
C ILE A 354 13.68 -27.85 -20.96
N ILE A 355 13.70 -26.55 -21.18
CA ILE A 355 14.60 -25.98 -22.17
C ILE A 355 15.62 -25.11 -21.47
N LEU A 356 16.89 -25.49 -21.58
CA LEU A 356 17.97 -24.73 -20.98
C LEU A 356 18.44 -23.74 -22.06
N ARG A 357 18.35 -22.44 -21.79
CA ARG A 357 18.76 -21.40 -22.74
C ARG A 357 19.99 -20.78 -22.10
N ILE A 358 21.15 -21.16 -22.61
CA ILE A 358 22.45 -20.79 -22.05
C ILE A 358 23.24 -19.69 -22.74
N ASN A 359 23.65 -18.71 -21.95
CA ASN A 359 24.47 -17.61 -22.45
C ASN A 359 25.91 -18.06 -22.28
N ILE A 360 26.63 -18.19 -23.40
CA ILE A 360 28.03 -18.60 -23.39
C ILE A 360 28.91 -17.37 -23.57
N PRO A 361 29.77 -17.07 -22.58
CA PRO A 361 30.64 -15.90 -22.73
C PRO A 361 31.71 -16.13 -23.79
N LYS A 362 32.10 -15.05 -24.46
CA LYS A 362 33.13 -15.12 -25.48
C LYS A 362 34.37 -15.75 -24.86
N ASP A 363 35.08 -16.54 -25.66
CA ASP A 363 36.29 -17.25 -25.26
C ASP A 363 36.11 -18.49 -24.39
N SER A 364 34.88 -18.99 -24.30
CA SER A 364 34.61 -20.20 -23.53
C SER A 364 34.96 -21.38 -24.42
N PRO A 365 35.33 -22.52 -23.81
CA PRO A 365 35.65 -23.72 -24.59
C PRO A 365 34.38 -24.15 -25.32
N GLY A 366 34.53 -24.75 -26.49
CA GLY A 366 33.38 -25.20 -27.23
C GLY A 366 33.71 -25.35 -28.71
N ALA A 367 32.90 -26.13 -29.42
CA ALA A 367 33.11 -26.35 -30.84
C ALA A 367 31.81 -26.67 -31.54
N TYR A 368 31.69 -26.26 -32.80
CA TYR A 368 30.50 -26.54 -33.58
C TYR A 368 30.75 -27.88 -34.28
N LEU A 369 30.31 -28.97 -33.64
CA LEU A 369 30.50 -30.33 -34.16
C LEU A 369 29.94 -30.59 -35.56
N SER A 370 28.86 -29.88 -35.90
CA SER A 370 28.22 -30.07 -37.19
C SER A 370 29.06 -29.55 -38.35
N ALA A 371 30.26 -29.07 -38.04
CA ALA A 371 31.18 -28.58 -39.08
C ALA A 371 32.14 -29.68 -39.49
N ILE A 372 32.09 -30.81 -38.80
CA ILE A 372 32.97 -31.94 -39.10
C ILE A 372 32.44 -32.76 -40.27
N PRO A 373 33.35 -33.11 -41.22
CA PRO A 373 33.00 -33.90 -42.42
C PRO A 373 32.18 -35.15 -42.08
N GLY A 374 30.91 -35.12 -42.48
CA GLY A 374 30.02 -36.25 -42.22
C GLY A 374 29.19 -36.01 -40.98
N TYR A 375 28.66 -34.80 -40.85
CA TYR A 375 27.85 -34.41 -39.69
C TYR A 375 27.11 -33.12 -40.05
N ALA A 376 26.11 -33.25 -40.93
CA ALA A 376 25.32 -32.09 -41.37
C ALA A 376 23.90 -32.08 -40.81
N GLY A 377 23.23 -30.94 -40.98
CA GLY A 377 21.87 -30.80 -40.50
C GLY A 377 21.70 -31.25 -39.06
N GLU A 378 22.55 -30.75 -38.17
CA GLU A 378 22.50 -31.12 -36.77
C GLU A 378 22.62 -29.91 -35.83
N TYR A 379 23.20 -28.82 -36.33
CA TYR A 379 23.35 -27.57 -35.58
C TYR A 379 23.88 -27.77 -34.17
N GLU A 380 24.85 -28.66 -33.99
CA GLU A 380 25.37 -28.98 -32.66
C GLU A 380 26.63 -28.28 -32.14
N VAL A 381 26.55 -27.78 -30.91
CA VAL A 381 27.68 -27.14 -30.26
C VAL A 381 27.99 -28.00 -29.05
N LEU A 382 29.24 -28.47 -28.91
CA LEU A 382 29.60 -29.28 -27.76
C LEU A 382 30.31 -28.41 -26.73
N LEU A 383 29.88 -28.51 -25.47
CA LEU A 383 30.50 -27.73 -24.39
C LEU A 383 31.35 -28.66 -23.53
N ASN A 384 32.36 -28.09 -22.89
CA ASN A 384 33.28 -28.86 -22.06
C ASN A 384 32.65 -29.53 -20.83
N HIS A 385 33.24 -30.66 -20.44
CA HIS A 385 32.78 -31.42 -19.28
C HIS A 385 33.04 -30.61 -18.01
N GLY A 386 32.21 -30.81 -16.99
CA GLY A 386 32.37 -30.08 -15.75
C GLY A 386 31.86 -28.65 -15.77
N SER A 387 31.11 -28.27 -16.80
CA SER A 387 30.59 -26.91 -16.91
C SER A 387 29.55 -26.61 -15.82
N LYS A 388 29.52 -25.36 -15.38
CA LYS A 388 28.58 -24.92 -14.35
C LYS A 388 27.67 -23.85 -14.93
N PHE A 389 26.37 -24.01 -14.76
CA PHE A 389 25.41 -23.04 -15.26
C PHE A 389 24.60 -22.45 -14.13
N LYS A 390 24.53 -21.12 -14.09
CA LYS A 390 23.74 -20.43 -13.09
C LYS A 390 22.35 -20.21 -13.69
N ILE A 391 21.32 -20.67 -12.99
CA ILE A 391 19.95 -20.52 -13.45
C ILE A 391 19.41 -19.19 -12.90
N ASN A 392 19.28 -18.21 -13.78
CA ASN A 392 18.82 -16.87 -13.41
C ASN A 392 17.31 -16.70 -13.25
N LYS A 393 16.56 -17.40 -14.09
CA LYS A 393 15.11 -17.26 -14.09
C LYS A 393 14.44 -18.44 -14.77
N VAL A 394 13.23 -18.77 -14.31
CA VAL A 394 12.45 -19.84 -14.89
C VAL A 394 11.14 -19.26 -15.38
N ASP A 395 10.85 -19.51 -16.65
CA ASP A 395 9.59 -19.06 -17.28
C ASP A 395 8.87 -20.28 -17.77
N SER A 396 7.62 -20.11 -18.20
CA SER A 396 6.86 -21.23 -18.71
C SER A 396 6.02 -20.78 -19.89
N TYR A 397 5.65 -21.72 -20.75
CA TYR A 397 4.80 -21.42 -21.90
C TYR A 397 4.08 -22.70 -22.22
N LYS A 398 3.00 -22.58 -22.97
CA LYS A 398 2.21 -23.76 -23.33
C LYS A 398 2.50 -24.24 -24.74
N ASP A 399 2.91 -25.50 -24.86
CA ASP A 399 3.19 -26.10 -26.16
C ASP A 399 2.12 -27.15 -26.41
N GLY A 400 1.03 -26.73 -27.06
CA GLY A 400 -0.05 -27.65 -27.32
C GLY A 400 -0.73 -27.87 -25.97
N THR A 401 -0.83 -29.12 -25.55
CA THR A 401 -1.45 -29.46 -24.27
C THR A 401 -0.42 -29.56 -23.15
N VAL A 402 0.85 -29.39 -23.47
CA VAL A 402 1.92 -29.51 -22.49
C VAL A 402 2.63 -28.21 -22.10
N THR A 403 2.68 -27.92 -20.80
CA THR A 403 3.37 -26.73 -20.33
C THR A 403 4.85 -27.08 -20.22
N LYS A 404 5.71 -26.22 -20.75
CA LYS A 404 7.16 -26.44 -20.73
C LYS A 404 7.89 -25.28 -20.06
N LEU A 405 9.09 -25.55 -19.57
CA LEU A 405 9.88 -24.53 -18.88
C LEU A 405 11.07 -24.05 -19.69
N ILE A 406 11.37 -22.76 -19.55
CA ILE A 406 12.54 -22.18 -20.22
C ILE A 406 13.44 -21.68 -19.09
N LEU A 407 14.64 -22.24 -19.01
CA LEU A 407 15.59 -21.83 -17.98
C LEU A 407 16.63 -20.86 -18.54
N ASP A 408 16.60 -19.62 -18.07
CA ASP A 408 17.54 -18.58 -18.47
C ASP A 408 18.80 -18.85 -17.65
N ALA A 409 19.84 -19.39 -18.30
CA ALA A 409 21.07 -19.71 -17.58
C ALA A 409 22.31 -19.08 -18.19
N THR A 410 23.37 -18.99 -17.39
CA THR A 410 24.63 -18.41 -17.83
C THR A 410 25.76 -19.39 -17.50
N LEU A 411 26.65 -19.63 -18.45
CA LEU A 411 27.79 -20.52 -18.20
C LEU A 411 28.76 -19.70 -17.36
N ILE A 412 29.17 -20.24 -16.21
CA ILE A 412 30.08 -19.50 -15.32
C ILE A 412 31.43 -20.18 -15.06
N ASN A 413 31.72 -21.24 -15.81
CA ASN A 413 32.99 -21.94 -15.63
C ASN A 413 34.16 -20.98 -15.79
N ILE B 3 -14.10 44.74 9.62
CA ILE B 3 -13.53 45.27 10.90
C ILE B 3 -14.31 46.47 11.43
N GLU B 4 -15.25 46.19 12.33
CA GLU B 4 -16.08 47.23 12.93
C GLU B 4 -16.93 46.61 14.03
N ARG B 5 -16.31 45.73 14.82
CA ARG B 5 -16.97 45.05 15.91
C ARG B 5 -15.93 44.59 16.92
N PRO B 6 -16.23 44.68 18.22
CA PRO B 6 -15.28 44.27 19.25
C PRO B 6 -15.25 42.74 19.28
N GLU B 7 -14.31 42.16 20.01
CA GLU B 7 -14.23 40.71 20.15
C GLU B 7 -15.27 40.31 21.19
N ASP B 8 -15.62 41.26 22.05
CA ASP B 8 -16.58 41.01 23.11
C ASP B 8 -17.40 42.28 23.39
N PHE B 9 -18.70 42.20 23.18
CA PHE B 9 -19.58 43.35 23.41
C PHE B 9 -19.84 43.60 24.89
N LEU B 10 -19.40 42.68 25.74
CA LEU B 10 -19.62 42.78 27.17
C LEU B 10 -21.09 43.02 27.50
N LYS B 11 -21.39 44.06 28.27
CA LYS B 11 -22.78 44.32 28.64
C LYS B 11 -23.52 45.26 27.71
N ASP B 12 -22.87 45.69 26.63
CA ASP B 12 -23.51 46.61 25.71
C ASP B 12 -24.46 45.93 24.74
N LYS B 13 -25.68 45.68 25.21
CA LYS B 13 -26.73 45.02 24.43
C LYS B 13 -27.15 45.78 23.18
N GLU B 14 -27.40 47.08 23.31
CA GLU B 14 -27.83 47.88 22.17
C GLU B 14 -26.85 47.81 21.00
N ASN B 15 -25.58 48.06 21.27
CA ASN B 15 -24.59 48.04 20.21
C ASN B 15 -24.36 46.62 19.65
N ALA B 16 -24.57 45.62 20.49
CA ALA B 16 -24.41 44.23 20.04
C ALA B 16 -25.54 43.89 19.08
N ILE B 17 -26.75 44.26 19.46
CA ILE B 17 -27.93 44.00 18.64
C ILE B 17 -27.89 44.73 17.30
N GLN B 18 -27.51 46.00 17.32
CA GLN B 18 -27.43 46.79 16.09
C GLN B 18 -26.45 46.17 15.11
N TRP B 19 -25.32 45.69 15.63
CA TRP B 19 -24.33 45.08 14.76
C TRP B 19 -24.84 43.77 14.19
N GLU B 20 -25.40 42.93 15.05
CA GLU B 20 -25.89 41.64 14.59
C GLU B 20 -27.10 41.69 13.67
N LYS B 21 -27.98 42.66 13.87
CA LYS B 21 -29.16 42.80 13.02
C LYS B 21 -28.75 43.00 11.57
N LYS B 22 -27.72 43.80 11.35
CA LYS B 22 -27.24 44.07 10.00
C LYS B 22 -26.42 42.89 9.47
N GLU B 23 -25.72 42.22 10.37
CA GLU B 23 -24.90 41.06 9.98
C GLU B 23 -25.82 39.94 9.52
N ALA B 24 -27.01 39.88 10.13
CA ALA B 24 -27.99 38.86 9.77
C ALA B 24 -28.47 39.10 8.35
N GLU B 25 -28.76 40.36 8.04
CA GLU B 25 -29.23 40.72 6.70
C GLU B 25 -28.20 40.37 5.65
N ARG B 26 -26.92 40.53 6.00
CA ARG B 26 -25.84 40.24 5.07
C ARG B 26 -25.71 38.76 4.78
N VAL B 27 -25.65 37.96 5.84
CA VAL B 27 -25.52 36.51 5.70
C VAL B 27 -26.69 35.85 5.00
N GLU B 28 -27.89 36.38 5.22
CA GLU B 28 -29.10 35.84 4.62
C GLU B 28 -28.98 35.75 3.09
N LYS B 29 -28.33 36.74 2.49
CA LYS B 29 -28.16 36.79 1.05
C LYS B 29 -27.13 35.77 0.53
N ASN B 30 -26.62 34.93 1.41
CA ASN B 30 -25.63 33.93 1.02
C ASN B 30 -26.13 32.51 1.29
N LEU B 31 -27.37 32.40 1.76
CA LEU B 31 -27.96 31.09 2.06
C LEU B 31 -28.71 30.53 0.86
N ASP B 32 -28.54 29.25 0.59
CA ASP B 32 -29.22 28.59 -0.52
C ASP B 32 -30.68 28.41 -0.15
N THR B 33 -31.47 27.94 -1.10
CA THR B 33 -32.89 27.72 -0.87
C THR B 33 -33.12 26.67 0.21
N LEU B 34 -32.38 25.57 0.12
CA LEU B 34 -32.50 24.49 1.08
C LEU B 34 -32.06 24.94 2.47
N GLU B 35 -30.93 25.62 2.54
CA GLU B 35 -30.43 26.12 3.82
C GLU B 35 -31.45 27.08 4.40
N LYS B 36 -31.99 27.93 3.53
CA LYS B 36 -33.01 28.89 3.93
C LYS B 36 -34.21 28.17 4.54
N GLU B 37 -34.65 27.11 3.87
CA GLU B 37 -35.80 26.34 4.36
C GLU B 37 -35.49 25.65 5.68
N ALA B 38 -34.26 25.19 5.84
CA ALA B 38 -33.83 24.52 7.05
C ALA B 38 -33.91 25.47 8.24
N LEU B 39 -33.41 26.69 8.05
CA LEU B 39 -33.41 27.69 9.11
C LEU B 39 -34.83 27.98 9.57
N GLU B 40 -35.78 27.99 8.62
CA GLU B 40 -37.17 28.25 8.97
C GLU B 40 -37.74 27.16 9.87
N LEU B 41 -37.38 25.91 9.60
CA LEU B 41 -37.86 24.80 10.42
C LEU B 41 -37.31 24.92 11.83
N TYR B 42 -36.03 25.29 11.94
CA TYR B 42 -35.38 25.42 13.25
C TYR B 42 -36.10 26.39 14.18
N LYS B 43 -36.36 27.60 13.69
CA LYS B 43 -37.03 28.61 14.51
C LYS B 43 -38.45 28.23 14.89
N LYS B 44 -38.94 27.11 14.36
CA LYS B 44 -40.29 26.64 14.66
C LYS B 44 -40.24 25.35 15.48
N ASP B 45 -39.09 24.69 15.48
CA ASP B 45 -38.92 23.44 16.23
C ASP B 45 -37.45 23.24 16.57
N SER B 46 -36.95 24.06 17.48
CA SER B 46 -35.55 24.01 17.91
C SER B 46 -35.21 22.78 18.73
N GLU B 47 -36.07 22.48 19.72
CA GLU B 47 -35.88 21.35 20.61
C GLU B 47 -35.55 20.03 19.93
N GLN B 48 -36.40 19.61 18.99
CA GLN B 48 -36.20 18.35 18.29
C GLN B 48 -34.98 18.31 17.39
N ILE B 49 -34.74 19.38 16.63
CA ILE B 49 -33.59 19.41 15.74
C ILE B 49 -32.29 19.48 16.56
N SER B 50 -32.30 20.22 17.65
CA SER B 50 -31.12 20.34 18.49
C SER B 50 -30.82 19.02 19.18
N ASN B 51 -31.87 18.34 19.62
CA ASN B 51 -31.71 17.05 20.28
C ASN B 51 -31.14 16.03 19.29
N TYR B 52 -31.61 16.08 18.05
CA TYR B 52 -31.14 15.15 17.04
C TYR B 52 -29.67 15.41 16.71
N SER B 53 -29.27 16.68 16.69
CA SER B 53 -27.89 17.02 16.34
C SER B 53 -26.89 16.56 17.39
N GLN B 54 -27.38 16.15 18.55
CA GLN B 54 -26.51 15.72 19.63
C GLN B 54 -26.19 14.24 19.64
N THR B 55 -27.10 13.42 19.14
CA THR B 55 -26.90 11.97 19.17
C THR B 55 -27.02 11.23 17.84
N ARG B 56 -27.16 11.99 16.76
CA ARG B 56 -27.30 11.36 15.45
C ARG B 56 -26.17 10.44 15.01
N GLN B 57 -24.94 10.67 15.48
CA GLN B 57 -23.83 9.82 15.00
C GLN B 57 -23.68 8.44 15.62
N TYR B 58 -24.54 8.08 16.55
CA TYR B 58 -24.42 6.79 17.23
C TYR B 58 -25.19 5.64 16.64
N PHE B 59 -26.02 5.91 15.64
CA PHE B 59 -26.81 4.86 15.04
C PHE B 59 -26.11 4.17 13.87
N TYR B 60 -26.77 3.20 13.25
CA TYR B 60 -26.19 2.50 12.09
C TYR B 60 -26.09 3.50 10.95
N ASP B 61 -25.11 3.30 10.07
CA ASP B 61 -24.97 4.21 8.94
C ASP B 61 -26.28 4.32 8.13
N TYR B 62 -26.96 3.20 7.94
CA TYR B 62 -28.19 3.25 7.15
C TYR B 62 -29.32 4.01 7.84
N GLN B 63 -29.33 3.98 9.18
CA GLN B 63 -30.36 4.69 9.93
C GLN B 63 -30.13 6.19 9.84
N ILE B 64 -28.86 6.57 9.86
CA ILE B 64 -28.49 7.98 9.75
C ILE B 64 -28.93 8.54 8.39
N GLU B 65 -28.44 7.91 7.33
CA GLU B 65 -28.74 8.35 5.97
C GLU B 65 -30.22 8.45 5.62
N SER B 66 -31.06 7.60 6.21
CA SER B 66 -32.48 7.63 5.89
C SER B 66 -33.37 8.37 6.88
N ASN B 67 -32.77 8.87 7.97
CA ASN B 67 -33.54 9.59 8.98
C ASN B 67 -34.04 10.90 8.40
N PRO B 68 -35.36 11.17 8.52
CA PRO B 68 -35.97 12.41 8.00
C PRO B 68 -35.22 13.67 8.42
N ARG B 69 -34.81 13.73 9.69
CA ARG B 69 -34.11 14.90 10.21
C ARG B 69 -32.67 15.09 9.74
N GLU B 70 -32.09 14.08 9.10
CA GLU B 70 -30.71 14.18 8.63
C GLU B 70 -30.57 15.25 7.55
N LYS B 71 -31.60 15.41 6.73
CA LYS B 71 -31.60 16.40 5.66
C LYS B 71 -31.54 17.80 6.27
N GLU B 72 -32.40 18.03 7.27
CA GLU B 72 -32.48 19.31 7.95
C GLU B 72 -31.15 19.58 8.68
N TYR B 73 -30.59 18.53 9.28
CA TYR B 73 -29.33 18.67 9.99
C TYR B 73 -28.22 19.14 9.06
N LYS B 74 -28.00 18.41 7.96
CA LYS B 74 -26.93 18.77 7.04
C LYS B 74 -27.06 20.17 6.45
N ASN B 75 -28.27 20.55 6.05
CA ASN B 75 -28.48 21.88 5.48
C ASN B 75 -28.20 22.98 6.49
N LEU B 76 -28.68 22.80 7.72
CA LEU B 76 -28.46 23.80 8.75
C LEU B 76 -26.96 23.83 9.11
N ARG B 77 -26.35 22.65 9.09
CA ARG B 77 -24.92 22.51 9.38
C ARG B 77 -24.09 23.29 8.35
N ASN B 78 -24.46 23.16 7.08
CA ASN B 78 -23.76 23.85 6.00
C ASN B 78 -23.99 25.35 6.07
N ALA B 79 -25.20 25.74 6.46
CA ALA B 79 -25.58 27.15 6.58
C ALA B 79 -24.71 27.86 7.61
N ILE B 80 -24.37 27.15 8.68
CA ILE B 80 -23.55 27.73 9.73
C ILE B 80 -22.10 27.79 9.31
N SER B 81 -21.56 26.67 8.87
CA SER B 81 -20.17 26.60 8.43
C SER B 81 -19.93 27.55 7.28
N LYS B 82 -21.03 28.06 6.71
CA LYS B 82 -20.97 29.00 5.60
C LYS B 82 -20.35 30.32 6.03
N ASN B 83 -20.88 30.91 7.10
CA ASN B 83 -20.37 32.18 7.60
C ASN B 83 -19.33 32.03 8.71
N LYS B 84 -18.07 31.94 8.33
CA LYS B 84 -16.99 31.83 9.29
C LYS B 84 -16.57 33.24 9.71
N ILE B 85 -16.46 33.47 11.01
CA ILE B 85 -16.09 34.79 11.50
C ILE B 85 -14.66 35.15 11.15
N ASP B 86 -14.42 36.44 10.94
CA ASP B 86 -13.09 36.93 10.55
C ASP B 86 -12.21 37.24 11.77
N LYS B 87 -12.85 37.44 12.91
CA LYS B 87 -12.14 37.76 14.14
C LYS B 87 -12.77 36.93 15.27
N PRO B 88 -12.04 36.72 16.36
CA PRO B 88 -12.62 35.95 17.46
C PRO B 88 -13.81 36.69 18.04
N ILE B 89 -14.69 35.99 18.73
CA ILE B 89 -15.84 36.63 19.35
C ILE B 89 -16.21 35.85 20.59
N ASN B 90 -16.63 36.55 21.64
CA ASN B 90 -17.03 35.87 22.87
C ASN B 90 -18.55 35.81 22.91
N VAL B 91 -19.08 34.65 23.30
CA VAL B 91 -20.53 34.51 23.37
C VAL B 91 -20.95 34.18 24.79
N TYR B 92 -22.24 34.30 25.06
CA TYR B 92 -22.80 34.05 26.37
C TYR B 92 -24.05 33.21 26.26
N TYR B 93 -24.23 32.29 27.21
CA TYR B 93 -25.43 31.47 27.25
C TYR B 93 -25.55 30.78 28.60
N PHE B 94 -26.79 30.57 29.03
CA PHE B 94 -27.04 29.89 30.29
C PHE B 94 -27.06 28.39 30.08
N GLU B 95 -26.49 27.67 31.04
CA GLU B 95 -26.45 26.22 30.96
C GLU B 95 -26.96 25.59 32.24
N SER B 96 -27.41 24.35 32.13
CA SER B 96 -27.88 23.63 33.31
C SER B 96 -26.65 23.04 33.99
N PRO B 97 -26.58 23.12 35.32
CA PRO B 97 -25.42 22.56 36.03
C PRO B 97 -25.22 21.07 35.78
N GLU B 98 -26.31 20.36 35.52
CA GLU B 98 -26.24 18.92 35.27
C GLU B 98 -25.44 18.63 34.01
N LYS B 99 -25.29 19.62 33.15
CA LYS B 99 -24.54 19.45 31.91
C LYS B 99 -23.09 19.16 32.26
N PHE B 100 -22.65 19.70 33.40
CA PHE B 100 -21.27 19.50 33.84
C PHE B 100 -21.14 18.52 35.01
N ALA B 101 -22.13 17.65 35.14
CA ALA B 101 -22.15 16.61 36.17
C ALA B 101 -22.36 17.13 37.59
N PHE B 102 -22.86 18.35 37.72
CA PHE B 102 -23.14 18.90 39.05
C PHE B 102 -24.64 18.63 39.15
N ASN B 103 -24.98 17.46 39.64
CA ASN B 103 -26.36 17.02 39.73
C ASN B 103 -27.15 17.56 40.91
N LYS B 104 -26.88 18.80 41.29
CA LYS B 104 -27.58 19.45 42.40
C LYS B 104 -27.90 20.90 42.02
N GLU B 105 -28.70 21.57 42.85
CA GLU B 105 -29.04 22.97 42.59
C GLU B 105 -27.97 23.88 43.17
N ILE B 106 -27.65 24.96 42.46
CA ILE B 106 -26.66 25.92 42.94
C ILE B 106 -27.39 26.77 43.97
N ARG B 107 -28.62 27.15 43.62
CA ARG B 107 -29.50 27.94 44.48
C ARG B 107 -30.87 27.85 43.81
N THR B 108 -31.94 28.10 44.56
CA THR B 108 -33.27 28.03 43.98
C THR B 108 -33.62 29.34 43.30
N GLU B 109 -34.72 29.35 42.56
CA GLU B 109 -35.15 30.55 41.84
C GLU B 109 -35.49 31.71 42.77
N ASN B 110 -35.97 31.39 43.97
CA ASN B 110 -36.34 32.41 44.94
C ASN B 110 -35.18 32.99 45.73
N GLN B 111 -34.12 32.20 45.90
CA GLN B 111 -32.94 32.66 46.63
C GLN B 111 -32.19 33.69 45.80
N ASN B 112 -31.48 34.59 46.46
CA ASN B 112 -30.71 35.63 45.77
C ASN B 112 -29.22 35.38 45.88
N GLU B 113 -28.82 34.61 46.88
CA GLU B 113 -27.41 34.34 47.12
C GLU B 113 -27.00 32.89 46.87
N ILE B 114 -25.70 32.69 46.71
CA ILE B 114 -25.14 31.35 46.51
C ILE B 114 -24.16 31.16 47.66
N SER B 115 -24.39 30.14 48.47
CA SER B 115 -23.54 29.86 49.62
C SER B 115 -22.12 29.47 49.24
N LEU B 116 -21.21 29.64 50.19
CA LEU B 116 -19.80 29.30 49.97
C LEU B 116 -19.64 27.80 49.71
N GLU B 117 -20.40 26.99 50.45
CA GLU B 117 -20.31 25.54 50.28
C GLU B 117 -20.69 25.11 48.86
N LYS B 118 -21.78 25.68 48.34
CA LYS B 118 -22.24 25.35 46.99
C LYS B 118 -21.25 25.81 45.94
N PHE B 119 -20.70 27.01 46.12
CA PHE B 119 -19.72 27.55 45.18
C PHE B 119 -18.49 26.68 45.14
N ASN B 120 -18.02 26.25 46.32
CA ASN B 120 -16.84 25.40 46.40
C ASN B 120 -17.07 24.01 45.82
N GLU B 121 -18.25 23.46 46.04
CA GLU B 121 -18.56 22.13 45.51
C GLU B 121 -18.61 22.18 43.98
N LEU B 122 -19.19 23.23 43.43
CA LEU B 122 -19.28 23.38 41.98
C LEU B 122 -17.87 23.52 41.43
N LYS B 123 -17.07 24.37 42.06
CA LYS B 123 -15.70 24.61 41.63
C LYS B 123 -14.91 23.31 41.54
N GLU B 124 -15.06 22.46 42.56
CA GLU B 124 -14.33 21.18 42.57
C GLU B 124 -14.87 20.18 41.55
N THR B 125 -16.14 20.32 41.19
CA THR B 125 -16.76 19.42 40.24
C THR B 125 -16.36 19.73 38.79
N ILE B 126 -16.28 21.01 38.48
CA ILE B 126 -15.90 21.46 37.13
C ILE B 126 -14.62 22.29 37.17
N GLN B 127 -13.52 21.67 37.59
CA GLN B 127 -12.26 22.39 37.68
C GLN B 127 -11.25 22.01 36.60
N ASP B 128 -10.79 20.77 36.63
CA ASP B 128 -9.81 20.28 35.66
C ASP B 128 -10.41 19.20 34.77
N LYS B 129 -11.50 19.52 34.07
CA LYS B 129 -12.14 18.54 33.20
C LYS B 129 -12.45 19.09 31.82
N LEU B 130 -12.37 18.23 30.82
CA LEU B 130 -12.70 18.61 29.46
C LEU B 130 -14.07 18.01 29.20
N PHE B 131 -15.06 18.84 28.90
CA PHE B 131 -16.43 18.35 28.65
C PHE B 131 -16.73 18.48 27.17
N LYS B 132 -17.07 17.36 26.54
CA LYS B 132 -17.37 17.39 25.11
C LYS B 132 -18.74 18.00 24.87
N GLN B 133 -18.82 18.91 23.90
CA GLN B 133 -20.04 19.59 23.56
C GLN B 133 -20.40 19.29 22.10
N ASP B 134 -21.68 19.01 21.84
CA ASP B 134 -22.13 18.71 20.50
C ASP B 134 -23.49 19.31 20.22
N GLY B 135 -23.78 19.49 18.94
CA GLY B 135 -25.08 20.01 18.55
C GLY B 135 -25.22 21.51 18.42
N PHE B 136 -26.39 21.90 17.93
CA PHE B 136 -26.73 23.30 17.73
C PHE B 136 -27.03 23.95 19.05
N LYS B 137 -26.71 25.23 19.14
CA LYS B 137 -26.97 25.97 20.36
C LYS B 137 -27.16 27.43 20.04
N ASP B 138 -28.16 28.03 20.66
CA ASP B 138 -28.43 29.46 20.49
C ASP B 138 -27.64 30.16 21.57
N VAL B 139 -26.87 31.18 21.17
CA VAL B 139 -26.07 31.93 22.12
C VAL B 139 -26.32 33.43 21.95
N SER B 140 -25.83 34.21 22.90
CA SER B 140 -26.02 35.66 22.87
C SER B 140 -24.66 36.35 22.71
N LEU B 141 -24.65 37.52 22.08
CA LEU B 141 -23.41 38.26 21.86
C LEU B 141 -23.14 39.29 22.95
N TYR B 142 -24.01 39.32 23.97
CA TYR B 142 -23.83 40.26 25.07
C TYR B 142 -24.21 39.57 26.37
N GLU B 143 -23.64 40.06 27.48
CA GLU B 143 -23.92 39.50 28.79
C GLU B 143 -25.35 39.88 29.18
N PRO B 144 -26.20 38.89 29.48
CA PRO B 144 -27.60 39.12 29.86
C PRO B 144 -27.72 40.06 31.06
N GLY B 145 -28.80 40.83 31.10
CA GLY B 145 -29.01 41.77 32.19
C GLY B 145 -30.47 41.96 32.51
N ASN B 146 -30.84 43.16 32.98
CA ASN B 146 -32.22 43.47 33.30
C ASN B 146 -33.15 43.19 32.14
N GLY B 147 -34.20 42.40 32.39
CA GLY B 147 -35.15 42.09 31.35
C GLY B 147 -34.90 40.77 30.63
N ASP B 148 -33.65 40.53 30.24
CA ASP B 148 -33.28 39.30 29.54
C ASP B 148 -33.66 38.05 30.32
N GLU B 149 -33.86 36.96 29.58
CA GLU B 149 -34.20 35.67 30.18
C GLU B 149 -32.97 35.04 30.83
N LYS B 150 -33.11 34.65 32.09
CA LYS B 150 -32.03 34.04 32.83
C LYS B 150 -32.56 32.74 33.41
N PRO B 151 -32.61 31.68 32.58
CA PRO B 151 -33.11 30.33 32.91
C PRO B 151 -32.45 29.58 34.06
N THR B 152 -31.16 29.81 34.27
CA THR B 152 -30.43 29.09 35.31
C THR B 152 -29.45 30.01 36.02
N PRO B 153 -28.83 29.53 37.09
CA PRO B 153 -27.87 30.36 37.82
C PRO B 153 -26.45 30.25 37.26
N LEU B 154 -26.29 29.52 36.14
CA LEU B 154 -24.98 29.29 35.54
C LEU B 154 -24.88 29.90 34.14
N LEU B 155 -24.01 30.90 34.02
CA LEU B 155 -23.78 31.63 32.77
C LEU B 155 -22.41 31.23 32.21
N ILE B 156 -22.35 30.84 30.93
CA ILE B 156 -21.08 30.46 30.31
C ILE B 156 -20.58 31.61 29.43
N HIS B 157 -19.31 31.96 29.57
CA HIS B 157 -18.67 33.02 28.80
C HIS B 157 -17.63 32.27 27.98
N LEU B 158 -17.95 32.03 26.71
CA LEU B 158 -17.08 31.25 25.83
C LEU B 158 -16.47 32.06 24.69
N LYS B 159 -15.16 31.90 24.50
CA LYS B 159 -14.49 32.60 23.40
C LYS B 159 -14.30 31.64 22.23
N LEU B 160 -14.87 32.01 21.10
CA LEU B 160 -14.78 31.22 19.87
C LEU B 160 -13.66 31.74 18.99
N PRO B 161 -12.83 30.83 18.44
CA PRO B 161 -11.70 31.10 17.56
C PRO B 161 -12.06 31.78 16.24
N LYS B 162 -11.06 32.43 15.65
CA LYS B 162 -11.20 33.15 14.40
C LYS B 162 -12.09 32.54 13.31
N ASN B 163 -11.86 31.30 12.92
CA ASN B 163 -12.68 30.72 11.85
C ASN B 163 -13.87 29.85 12.24
N THR B 164 -14.54 30.22 13.32
CA THR B 164 -15.70 29.46 13.79
C THR B 164 -16.93 29.83 12.98
N GLY B 165 -17.78 28.86 12.71
CA GLY B 165 -19.00 29.14 11.96
C GLY B 165 -20.02 29.78 12.89
N MET B 166 -20.74 30.78 12.39
CA MET B 166 -21.72 31.46 13.21
C MET B 166 -22.85 31.99 12.33
N LEU B 167 -24.08 31.69 12.70
CA LEU B 167 -25.22 32.12 11.91
C LEU B 167 -26.14 33.09 12.62
N PRO B 168 -25.99 34.39 12.34
CA PRO B 168 -26.83 35.42 12.95
C PRO B 168 -28.15 35.38 12.18
N TYR B 169 -29.28 35.40 12.88
CA TYR B 169 -30.56 35.37 12.17
C TYR B 169 -31.65 36.05 12.99
N ILE B 170 -32.68 36.50 12.29
CA ILE B 170 -33.79 37.18 12.95
C ILE B 170 -35.00 36.26 13.03
N ASN B 171 -35.54 36.12 14.24
CA ASN B 171 -36.71 35.26 14.46
C ASN B 171 -37.98 36.09 14.34
N SER B 172 -38.23 36.98 15.30
CA SER B 172 -39.41 37.83 15.27
C SER B 172 -38.96 39.29 15.26
N ASN B 173 -38.90 39.88 16.45
CA ASN B 173 -38.49 41.27 16.59
C ASN B 173 -37.06 41.33 17.13
N ASP B 174 -36.48 40.17 17.40
CA ASP B 174 -35.12 40.10 17.93
C ASP B 174 -34.20 39.18 17.12
N VAL B 175 -32.90 39.42 17.24
CA VAL B 175 -31.90 38.65 16.52
C VAL B 175 -31.36 37.53 17.41
N LYS B 176 -31.07 36.38 16.80
CA LYS B 176 -30.53 35.24 17.54
C LYS B 176 -29.19 34.86 16.90
N THR B 177 -28.45 33.99 17.56
CA THR B 177 -27.16 33.55 17.05
C THR B 177 -27.08 32.04 17.18
N LEU B 178 -26.82 31.36 16.07
CA LEU B 178 -26.74 29.90 16.07
C LEU B 178 -25.33 29.41 15.76
N ILE B 179 -24.84 28.45 16.54
CA ILE B 179 -23.53 27.86 16.30
C ILE B 179 -23.69 26.36 16.43
N GLU B 180 -22.73 25.60 15.92
CA GLU B 180 -22.80 24.16 16.13
C GLU B 180 -21.57 23.82 16.96
N GLN B 181 -21.78 23.18 18.09
CA GLN B 181 -20.67 22.81 18.95
C GLN B 181 -20.03 21.50 18.45
N ASP B 182 -18.71 21.50 18.31
CA ASP B 182 -17.98 20.32 17.85
C ASP B 182 -16.58 20.43 18.44
N TYR B 183 -16.53 20.49 19.76
CA TYR B 183 -15.26 20.65 20.47
C TYR B 183 -15.51 20.30 21.94
N SER B 184 -14.48 20.43 22.75
CA SER B 184 -14.63 20.18 24.17
C SER B 184 -14.38 21.51 24.84
N ILE B 185 -14.99 21.71 26.01
CA ILE B 185 -14.79 22.96 26.74
C ILE B 185 -14.14 22.73 28.08
N LYS B 186 -13.29 23.67 28.47
CA LYS B 186 -12.61 23.62 29.75
C LYS B 186 -12.97 24.89 30.51
N ILE B 187 -13.36 24.73 31.76
CA ILE B 187 -13.72 25.89 32.59
C ILE B 187 -12.47 26.33 33.34
N ASP B 188 -11.93 27.47 32.90
CA ASP B 188 -10.71 28.02 33.49
C ASP B 188 -10.91 28.66 34.85
N LYS B 189 -12.08 29.25 35.06
CA LYS B 189 -12.38 29.89 36.35
C LYS B 189 -13.84 30.28 36.44
N ILE B 190 -14.36 30.30 37.66
CA ILE B 190 -15.73 30.71 37.88
C ILE B 190 -15.71 31.87 38.86
N VAL B 191 -16.60 32.83 38.63
CA VAL B 191 -16.71 33.99 39.49
C VAL B 191 -18.19 34.24 39.66
N ARG B 192 -18.58 34.94 40.72
CA ARG B 192 -19.98 35.23 40.92
C ARG B 192 -20.27 36.68 40.59
N ILE B 193 -21.34 36.88 39.82
CA ILE B 193 -21.74 38.21 39.42
C ILE B 193 -23.18 38.42 39.90
N VAL B 194 -23.59 39.68 39.98
CA VAL B 194 -24.94 40.00 40.41
C VAL B 194 -25.73 40.61 39.25
N ILE B 195 -26.88 40.02 38.96
CA ILE B 195 -27.75 40.52 37.89
C ILE B 195 -29.11 40.73 38.52
N GLU B 196 -29.55 41.98 38.59
CA GLU B 196 -30.85 42.30 39.18
C GLU B 196 -31.03 41.77 40.59
N GLY B 197 -30.08 42.07 41.48
CA GLY B 197 -30.18 41.63 42.86
C GLY B 197 -29.91 40.18 43.17
N LYS B 198 -29.81 39.34 42.14
CA LYS B 198 -29.54 37.91 42.33
C LYS B 198 -28.15 37.53 41.86
N GLN B 199 -27.54 36.58 42.57
CA GLN B 199 -26.20 36.11 42.24
C GLN B 199 -26.24 34.99 41.21
N TYR B 200 -25.26 35.03 40.31
CA TYR B 200 -25.12 34.03 39.25
C TYR B 200 -23.68 33.61 39.16
N ILE B 201 -23.45 32.40 38.66
CA ILE B 201 -22.08 31.94 38.47
C ILE B 201 -21.72 32.23 37.01
N LYS B 202 -20.59 32.87 36.80
CA LYS B 202 -20.14 33.16 35.45
C LYS B 202 -18.91 32.28 35.28
N ALA B 203 -18.96 31.36 34.32
CA ALA B 203 -17.85 30.47 34.09
C ALA B 203 -17.09 30.88 32.84
N GLU B 204 -15.79 31.13 33.00
CA GLU B 204 -14.94 31.50 31.90
C GLU B 204 -14.55 30.18 31.26
N ALA B 205 -14.97 29.98 30.01
CA ALA B 205 -14.68 28.73 29.33
C ALA B 205 -13.80 28.91 28.10
N SER B 206 -13.02 27.87 27.80
CA SER B 206 -12.13 27.88 26.65
C SER B 206 -12.38 26.61 25.84
N ILE B 207 -12.11 26.70 24.54
CA ILE B 207 -12.31 25.55 23.65
C ILE B 207 -11.02 24.74 23.45
N VAL B 208 -11.16 23.42 23.46
CA VAL B 208 -10.03 22.54 23.21
C VAL B 208 -10.50 21.73 22.01
N ASN B 209 -9.76 21.82 20.91
CA ASN B 209 -10.15 21.10 19.70
C ASN B 209 -9.54 19.71 19.59
N SER B 210 -10.31 18.80 19.03
CA SER B 210 -9.85 17.44 18.82
C SER B 210 -10.48 16.92 17.54
N LEU B 211 -9.76 16.05 16.84
CA LEU B 211 -10.30 15.47 15.63
C LEU B 211 -11.37 14.50 16.09
N ASP B 212 -12.57 14.62 15.54
CA ASP B 212 -13.68 13.72 15.89
C ASP B 212 -14.40 13.39 14.58
N PHE B 213 -14.15 12.21 14.04
CA PHE B 213 -14.76 11.83 12.78
C PHE B 213 -16.22 11.44 12.87
N LYS B 214 -16.67 11.15 14.09
CA LYS B 214 -18.06 10.75 14.28
C LYS B 214 -18.46 9.67 13.28
N ASP B 215 -19.53 9.89 12.52
CA ASP B 215 -19.98 8.90 11.56
C ASP B 215 -19.20 8.83 10.23
N ASP B 216 -18.27 9.74 10.02
CA ASP B 216 -17.51 9.72 8.78
C ASP B 216 -16.29 8.81 8.88
N VAL B 217 -16.55 7.51 8.89
CA VAL B 217 -15.48 6.52 9.00
C VAL B 217 -14.50 6.55 7.83
N SER B 218 -14.98 6.94 6.65
CA SER B 218 -14.11 7.00 5.48
C SER B 218 -13.02 8.03 5.66
N LYS B 219 -13.38 9.20 6.19
CA LYS B 219 -12.42 10.26 6.41
C LYS B 219 -11.43 9.82 7.50
N GLY B 220 -11.95 9.21 8.56
CA GLY B 220 -11.08 8.75 9.63
C GLY B 220 -10.08 7.69 9.17
N ASP B 221 -10.51 6.82 8.27
CA ASP B 221 -9.67 5.76 7.75
C ASP B 221 -8.53 6.35 6.92
N LEU B 222 -8.85 7.39 6.15
CA LEU B 222 -7.87 8.08 5.32
C LEU B 222 -6.81 8.73 6.22
N TRP B 223 -7.27 9.36 7.30
CA TRP B 223 -6.37 9.98 8.25
C TRP B 223 -5.48 8.91 8.89
N GLY B 224 -6.09 7.78 9.25
CA GLY B 224 -5.34 6.69 9.86
C GLY B 224 -4.28 6.11 8.96
N LYS B 225 -4.65 5.84 7.71
CA LYS B 225 -3.72 5.26 6.75
C LYS B 225 -2.57 6.22 6.48
N GLU B 226 -2.90 7.50 6.38
CA GLU B 226 -1.92 8.56 6.11
C GLU B 226 -0.84 8.66 7.20
N ASN B 227 -1.24 8.48 8.45
CA ASN B 227 -0.29 8.59 9.55
C ASN B 227 0.38 7.31 10.00
N TYR B 228 -0.21 6.16 9.66
CA TYR B 228 0.37 4.88 10.07
C TYR B 228 0.71 3.91 8.95
N SER B 229 0.74 4.38 7.71
CA SER B 229 1.03 3.52 6.57
C SER B 229 2.33 2.73 6.67
N ASP B 230 3.36 3.32 7.27
CA ASP B 230 4.65 2.65 7.40
C ASP B 230 5.04 2.31 8.84
N TRP B 231 4.04 2.23 9.70
CA TRP B 231 4.25 1.91 11.11
C TRP B 231 4.88 0.52 11.22
N SER B 232 4.31 -0.45 10.52
CA SER B 232 4.80 -1.84 10.54
C SER B 232 6.29 -1.99 10.24
N ASN B 233 6.74 -1.34 9.15
CA ASN B 233 8.13 -1.41 8.72
C ASN B 233 9.17 -0.93 9.74
N LYS B 234 8.80 0.05 10.56
CA LYS B 234 9.73 0.61 11.53
C LYS B 234 9.95 -0.16 12.83
N LEU B 235 9.22 -1.26 13.03
CA LEU B 235 9.37 -2.04 14.25
C LEU B 235 10.53 -3.04 14.17
N THR B 236 11.14 -3.34 15.32
CA THR B 236 12.22 -4.30 15.35
C THR B 236 11.58 -5.66 15.06
N PRO B 237 12.38 -6.63 14.61
CA PRO B 237 11.86 -7.97 14.29
C PRO B 237 10.98 -8.59 15.36
N ASN B 238 11.45 -8.58 16.60
CA ASN B 238 10.71 -9.15 17.72
C ASN B 238 9.41 -8.42 18.01
N GLU B 239 9.45 -7.10 17.95
CA GLU B 239 8.26 -6.29 18.21
C GLU B 239 7.20 -6.57 17.16
N LEU B 240 7.58 -6.58 15.89
CA LEU B 240 6.63 -6.84 14.80
C LEU B 240 6.04 -8.25 14.92
N ALA B 241 6.84 -9.18 15.42
CA ALA B 241 6.41 -10.55 15.58
C ALA B 241 5.30 -10.64 16.62
N ASP B 242 5.49 -9.94 17.75
CA ASP B 242 4.50 -9.95 18.82
C ASP B 242 3.22 -9.19 18.46
N VAL B 243 3.33 -8.18 17.61
CA VAL B 243 2.15 -7.41 17.19
C VAL B 243 1.28 -8.29 16.30
N ASN B 244 1.93 -9.00 15.37
CA ASN B 244 1.21 -9.87 14.46
C ASN B 244 0.49 -10.98 15.24
N ASP B 245 1.19 -11.56 16.21
CA ASP B 245 0.59 -12.61 17.03
C ASP B 245 -0.62 -12.05 17.78
N TYR B 246 -0.46 -10.87 18.37
CA TYR B 246 -1.55 -10.24 19.10
C TYR B 246 -2.78 -10.07 18.22
N MET B 247 -2.57 -9.59 17.00
CA MET B 247 -3.68 -9.37 16.08
C MET B 247 -4.28 -10.65 15.50
N ARG B 248 -3.46 -11.69 15.36
CA ARG B 248 -3.95 -12.95 14.80
C ARG B 248 -4.59 -13.89 15.83
N GLY B 249 -5.06 -13.31 16.94
CA GLY B 249 -5.71 -14.13 17.95
C GLY B 249 -4.97 -14.17 19.28
N GLY B 250 -3.75 -13.65 19.31
CA GLY B 250 -2.98 -13.65 20.53
C GLY B 250 -3.53 -12.73 21.60
N TYR B 251 -4.38 -11.79 21.20
CA TYR B 251 -4.96 -10.84 22.15
C TYR B 251 -5.68 -11.47 23.33
N THR B 252 -6.41 -12.56 23.10
CA THR B 252 -7.15 -13.20 24.18
C THR B 252 -6.27 -13.64 25.34
N ALA B 253 -5.21 -14.39 25.05
CA ALA B 253 -4.29 -14.86 26.09
C ALA B 253 -3.58 -13.71 26.76
N ILE B 254 -3.08 -12.78 25.96
CA ILE B 254 -2.37 -11.63 26.49
C ILE B 254 -3.26 -10.78 27.39
N ASN B 255 -4.41 -10.34 26.89
CA ASN B 255 -5.28 -9.51 27.70
C ASN B 255 -5.84 -10.20 28.93
N ASN B 256 -6.13 -11.51 28.84
CA ASN B 256 -6.65 -12.23 30.00
C ASN B 256 -5.59 -12.24 31.11
N TYR B 257 -4.34 -12.38 30.71
CA TYR B 257 -3.21 -12.40 31.63
C TYR B 257 -3.07 -11.07 32.38
N LEU B 258 -3.24 -9.96 31.67
CA LEU B 258 -3.13 -8.65 32.30
C LEU B 258 -4.33 -8.37 33.21
N ILE B 259 -5.53 -8.70 32.74
CA ILE B 259 -6.76 -8.48 33.50
C ILE B 259 -6.78 -9.25 34.82
N SER B 260 -6.14 -10.41 34.84
CA SER B 260 -6.10 -11.22 36.04
C SER B 260 -4.77 -11.03 36.79
N ASN B 261 -4.23 -9.82 36.73
CA ASN B 261 -2.97 -9.49 37.38
C ASN B 261 -1.93 -10.61 37.32
N GLY B 262 -1.66 -11.09 36.12
CA GLY B 262 -0.70 -12.16 35.95
C GLY B 262 0.71 -11.74 36.38
N PRO B 263 1.19 -10.57 35.91
CA PRO B 263 2.53 -10.08 36.27
C PRO B 263 2.74 -9.91 37.77
N LEU B 264 1.70 -10.16 38.56
CA LEU B 264 1.80 -10.02 40.01
C LEU B 264 1.02 -11.11 40.74
N ASN B 265 1.04 -12.33 40.20
CA ASN B 265 0.34 -13.45 40.80
C ASN B 265 0.76 -14.76 40.12
N ASN B 266 1.28 -14.64 38.91
CA ASN B 266 1.72 -15.80 38.15
C ASN B 266 2.53 -15.31 36.95
N PRO B 267 3.58 -14.53 37.20
CA PRO B 267 4.45 -13.98 36.15
C PRO B 267 4.83 -14.99 35.07
N ASN B 268 4.69 -14.57 33.82
CA ASN B 268 5.03 -15.41 32.67
C ASN B 268 5.99 -14.64 31.79
N PRO B 269 7.30 -14.87 31.96
CA PRO B 269 8.36 -14.20 31.19
C PRO B 269 8.06 -14.01 29.71
N GLU B 270 7.53 -15.06 29.06
CA GLU B 270 7.23 -14.97 27.65
C GLU B 270 6.11 -13.97 27.36
N LEU B 271 5.12 -13.90 28.25
CA LEU B 271 4.02 -12.94 28.05
C LEU B 271 4.44 -11.54 28.48
N ASP B 272 5.16 -11.43 29.59
CA ASP B 272 5.61 -10.12 30.05
C ASP B 272 6.49 -9.49 28.98
N SER B 273 7.11 -10.34 28.17
CA SER B 273 7.99 -9.90 27.10
C SER B 273 7.18 -9.36 25.92
N LYS B 274 6.15 -10.09 25.54
CA LYS B 274 5.29 -9.68 24.43
C LYS B 274 4.62 -8.34 24.71
N VAL B 275 4.16 -8.16 25.95
CA VAL B 275 3.50 -6.91 26.31
C VAL B 275 4.47 -5.74 26.21
N ASN B 276 5.68 -5.92 26.73
CA ASN B 276 6.67 -4.85 26.67
C ASN B 276 7.00 -4.47 25.23
N ASN B 277 6.99 -5.46 24.33
CA ASN B 277 7.29 -5.20 22.94
C ASN B 277 6.13 -4.51 22.22
N ILE B 278 4.91 -4.85 22.60
CA ILE B 278 3.77 -4.21 21.96
C ILE B 278 3.69 -2.77 22.45
N GLU B 279 4.02 -2.57 23.73
CA GLU B 279 4.00 -1.24 24.32
C GLU B 279 5.00 -0.33 23.59
N ASN B 280 6.21 -0.83 23.36
CA ASN B 280 7.23 -0.04 22.65
C ASN B 280 6.75 0.30 21.25
N ALA B 281 6.04 -0.64 20.63
CA ALA B 281 5.53 -0.42 19.27
C ALA B 281 4.50 0.72 19.26
N LEU B 282 3.67 0.79 20.29
CA LEU B 282 2.66 1.83 20.37
C LEU B 282 3.24 3.20 20.65
N LYS B 283 4.51 3.23 21.05
CA LYS B 283 5.16 4.50 21.34
C LYS B 283 6.02 4.96 20.15
N LEU B 284 6.03 4.17 19.09
CA LEU B 284 6.81 4.51 17.91
C LEU B 284 6.31 5.80 17.26
N THR B 285 5.02 5.85 16.97
CA THR B 285 4.40 7.02 16.35
C THR B 285 3.21 7.43 17.21
N PRO B 286 3.45 8.24 18.24
CA PRO B 286 2.35 8.67 19.12
C PRO B 286 1.25 9.35 18.32
N ILE B 287 0.01 9.25 18.82
CA ILE B 287 -1.16 9.87 18.18
C ILE B 287 -0.78 11.31 17.87
N PRO B 288 -0.74 11.68 16.58
CA PRO B 288 -0.39 12.99 16.02
C PRO B 288 -1.08 14.26 16.53
N SER B 289 -2.33 14.13 16.98
CA SER B 289 -3.05 15.28 17.48
C SER B 289 -4.16 14.81 18.39
N ASN B 290 -4.79 15.74 19.10
CA ASN B 290 -5.89 15.36 19.99
C ASN B 290 -6.90 14.63 19.11
N LEU B 291 -7.35 13.47 19.58
CA LEU B 291 -8.29 12.67 18.81
C LEU B 291 -9.36 12.06 19.71
N ILE B 292 -10.57 11.93 19.16
CA ILE B 292 -11.68 11.30 19.88
C ILE B 292 -11.89 9.90 19.31
N VAL B 293 -11.94 8.88 20.17
CA VAL B 293 -12.18 7.52 19.70
C VAL B 293 -13.39 6.94 20.44
N TYR B 294 -13.95 5.87 19.91
CA TYR B 294 -15.15 5.28 20.50
C TYR B 294 -15.01 3.79 20.77
N ARG B 295 -15.57 3.34 21.90
CA ARG B 295 -15.53 1.93 22.20
C ARG B 295 -16.89 1.54 22.75
N ARG B 296 -17.44 0.44 22.25
CA ARG B 296 -18.72 -0.05 22.75
C ARG B 296 -18.30 -1.12 23.75
N SER B 297 -18.51 -0.83 25.03
CA SER B 297 -18.10 -1.70 26.12
C SER B 297 -19.10 -2.74 26.59
N GLY B 298 -18.58 -3.91 26.97
CA GLY B 298 -19.43 -4.96 27.49
C GLY B 298 -19.64 -4.66 28.96
N PRO B 299 -20.63 -5.29 29.60
CA PRO B 299 -20.88 -5.03 31.03
C PRO B 299 -19.74 -5.36 32.00
N GLN B 300 -18.95 -6.37 31.69
CA GLN B 300 -17.85 -6.78 32.56
C GLN B 300 -16.81 -5.67 32.78
N GLU B 301 -16.72 -4.75 31.84
CA GLU B 301 -15.77 -3.66 31.95
C GLU B 301 -16.14 -2.71 33.09
N PHE B 302 -17.39 -2.75 33.51
CA PHE B 302 -17.86 -1.88 34.59
C PHE B 302 -18.46 -2.64 35.78
N GLY B 303 -17.93 -3.84 36.03
CA GLY B 303 -18.38 -4.63 37.15
C GLY B 303 -19.82 -5.10 37.09
N LEU B 304 -20.30 -5.45 35.90
CA LEU B 304 -21.66 -5.93 35.73
C LEU B 304 -21.64 -7.13 34.79
N THR B 305 -22.78 -7.79 34.66
CA THR B 305 -22.91 -8.93 33.76
C THR B 305 -24.16 -8.69 32.94
N LEU B 306 -24.30 -9.45 31.86
CA LEU B 306 -25.43 -9.31 30.96
C LEU B 306 -26.77 -9.52 31.68
N THR B 307 -26.72 -10.19 32.82
CA THR B 307 -27.93 -10.50 33.60
C THR B 307 -28.18 -9.57 34.78
N SER B 308 -27.15 -8.82 35.19
CA SER B 308 -27.28 -7.91 36.32
C SER B 308 -28.50 -7.00 36.22
N PRO B 309 -29.33 -6.96 37.27
CA PRO B 309 -30.52 -6.09 37.23
C PRO B 309 -30.11 -4.64 36.98
N GLU B 310 -28.96 -4.25 37.52
CA GLU B 310 -28.46 -2.89 37.38
C GLU B 310 -28.01 -2.55 35.96
N TYR B 311 -28.04 -3.55 35.07
CA TYR B 311 -27.61 -3.35 33.69
C TYR B 311 -28.78 -2.90 32.80
N ASP B 312 -29.98 -2.84 33.38
CA ASP B 312 -31.15 -2.41 32.64
C ASP B 312 -31.36 -0.91 32.80
N PHE B 313 -30.76 -0.14 31.89
CA PHE B 313 -30.84 1.31 31.95
C PHE B 313 -32.17 1.89 31.51
N ASN B 314 -33.15 1.02 31.22
CA ASN B 314 -34.47 1.50 30.85
C ASN B 314 -35.13 2.04 32.11
N LYS B 315 -34.61 1.62 33.26
CA LYS B 315 -35.12 2.07 34.55
C LYS B 315 -34.16 3.16 35.02
N ILE B 316 -34.67 4.38 35.14
CA ILE B 316 -33.84 5.52 35.54
C ILE B 316 -33.04 5.34 36.83
N GLU B 317 -33.54 4.54 37.76
CA GLU B 317 -32.82 4.33 39.01
C GLU B 317 -31.47 3.68 38.74
N ASN B 318 -31.40 2.85 37.71
CA ASN B 318 -30.14 2.18 37.38
C ASN B 318 -29.15 3.14 36.75
N ILE B 319 -29.64 4.17 36.07
CA ILE B 319 -28.74 5.15 35.47
C ILE B 319 -28.16 5.98 36.61
N ASP B 320 -29.01 6.32 37.57
CA ASP B 320 -28.58 7.09 38.73
C ASP B 320 -27.49 6.32 39.48
N ALA B 321 -27.74 5.03 39.68
CA ALA B 321 -26.80 4.16 40.37
C ALA B 321 -25.45 4.12 39.65
N PHE B 322 -25.51 4.01 38.33
CA PHE B 322 -24.30 3.96 37.52
C PHE B 322 -23.52 5.26 37.68
N LYS B 323 -24.23 6.39 37.63
CA LYS B 323 -23.59 7.69 37.79
C LYS B 323 -22.88 7.87 39.12
N GLU B 324 -23.57 7.53 40.21
CA GLU B 324 -22.99 7.69 41.53
C GLU B 324 -21.70 6.87 41.65
N LYS B 325 -21.67 5.73 40.98
CA LYS B 325 -20.50 4.86 41.04
C LYS B 325 -19.37 5.21 40.06
N TRP B 326 -19.71 5.72 38.88
CA TRP B 326 -18.68 6.01 37.88
C TRP B 326 -18.44 7.45 37.42
N GLU B 327 -19.43 8.31 37.54
CA GLU B 327 -19.27 9.69 37.08
C GLU B 327 -18.30 10.49 37.93
N GLY B 328 -17.28 11.03 37.28
CA GLY B 328 -16.28 11.82 38.00
C GLY B 328 -15.16 10.94 38.54
N LYS B 329 -15.28 9.63 38.32
CA LYS B 329 -14.28 8.67 38.79
C LYS B 329 -13.32 8.27 37.67
N VAL B 330 -12.32 7.47 38.03
CA VAL B 330 -11.34 6.99 37.07
C VAL B 330 -11.43 5.47 36.93
N ILE B 331 -11.34 5.00 35.70
CA ILE B 331 -11.37 3.57 35.44
C ILE B 331 -10.05 3.19 34.80
N THR B 332 -9.47 2.08 35.26
CA THR B 332 -8.19 1.63 34.73
C THR B 332 -8.35 0.34 33.94
N TYR B 333 -7.72 0.31 32.77
CA TYR B 333 -7.75 -0.88 31.92
C TYR B 333 -6.37 -1.51 31.94
N PRO B 334 -6.23 -2.68 32.59
CA PRO B 334 -4.94 -3.35 32.66
C PRO B 334 -4.55 -3.91 31.29
N ASN B 335 -5.56 -4.29 30.51
CA ASN B 335 -5.36 -4.84 29.18
C ASN B 335 -5.17 -3.78 28.10
N PHE B 336 -4.73 -4.21 26.92
CA PHE B 336 -4.61 -3.27 25.81
C PHE B 336 -6.06 -3.06 25.42
N ILE B 337 -6.40 -1.84 24.99
CA ILE B 337 -7.78 -1.53 24.65
C ILE B 337 -7.98 -1.13 23.19
N SER B 338 -8.89 -1.82 22.51
CA SER B 338 -9.17 -1.49 21.11
C SER B 338 -10.34 -0.50 21.06
N THR B 339 -10.24 0.49 20.19
CA THR B 339 -11.26 1.51 20.04
C THR B 339 -11.47 1.72 18.55
N SER B 340 -12.50 2.47 18.20
CA SER B 340 -12.80 2.75 16.81
C SER B 340 -12.71 4.25 16.54
N ILE B 341 -12.29 4.60 15.32
CA ILE B 341 -12.19 6.00 14.96
C ILE B 341 -13.59 6.52 14.63
N GLY B 342 -14.55 5.60 14.52
CA GLY B 342 -15.92 5.95 14.18
C GLY B 342 -16.93 5.70 15.30
N SER B 343 -17.99 6.49 15.33
CA SER B 343 -19.03 6.40 16.36
C SER B 343 -20.24 5.57 16.00
N VAL B 344 -20.38 5.20 14.73
CA VAL B 344 -21.55 4.45 14.28
C VAL B 344 -21.66 3.05 14.87
N ASN B 345 -22.91 2.61 14.99
CA ASN B 345 -23.22 1.30 15.54
C ASN B 345 -22.84 0.27 14.49
N MET B 346 -22.53 -0.94 14.94
CA MET B 346 -22.17 -2.01 14.03
C MET B 346 -22.71 -3.32 14.58
N SER B 347 -23.09 -4.23 13.70
CA SER B 347 -23.60 -5.52 14.15
C SER B 347 -22.45 -6.06 14.98
N ALA B 348 -22.76 -6.87 15.99
CA ALA B 348 -21.75 -7.45 16.88
C ALA B 348 -21.67 -6.64 18.17
N PHE B 349 -21.80 -5.33 18.06
CA PHE B 349 -21.77 -4.45 19.24
C PHE B 349 -23.15 -3.88 19.46
N ALA B 350 -24.05 -4.21 18.53
CA ALA B 350 -25.43 -3.73 18.56
C ALA B 350 -26.12 -3.93 19.91
N LYS B 351 -25.75 -4.98 20.63
CA LYS B 351 -26.36 -5.24 21.92
C LYS B 351 -25.68 -4.56 23.09
N ARG B 352 -24.48 -4.02 22.88
CA ARG B 352 -23.77 -3.35 23.96
C ARG B 352 -24.45 -2.04 24.29
N LYS B 353 -24.55 -1.72 25.59
CA LYS B 353 -25.25 -0.52 26.03
C LYS B 353 -24.41 0.63 26.55
N ILE B 354 -23.10 0.48 26.56
CA ILE B 354 -22.24 1.55 27.07
C ILE B 354 -21.23 1.99 26.04
N ILE B 355 -21.24 3.27 25.69
CA ILE B 355 -20.28 3.80 24.72
C ILE B 355 -19.31 4.71 25.46
N LEU B 356 -18.03 4.37 25.36
CA LEU B 356 -16.97 5.14 25.97
C LEU B 356 -16.46 6.05 24.85
N ARG B 357 -16.58 7.35 25.03
CA ARG B 357 -16.14 8.33 24.02
C ARG B 357 -14.94 8.98 24.66
N ILE B 358 -13.76 8.60 24.19
CA ILE B 358 -12.50 9.00 24.76
C ILE B 358 -11.70 10.07 24.04
N ASN B 359 -11.29 11.10 24.77
CA ASN B 359 -10.47 12.14 24.17
C ASN B 359 -9.03 11.72 24.46
N ILE B 360 -8.28 11.50 23.39
CA ILE B 360 -6.88 11.10 23.49
C ILE B 360 -6.00 12.33 23.24
N PRO B 361 -5.18 12.71 24.23
CA PRO B 361 -4.31 13.88 24.06
C PRO B 361 -3.21 13.63 23.03
N LYS B 362 -2.84 14.68 22.30
CA LYS B 362 -1.77 14.58 21.32
C LYS B 362 -0.55 14.00 22.02
N ASP B 363 0.19 13.14 21.31
CA ASP B 363 1.41 12.50 21.81
C ASP B 363 1.20 11.28 22.71
N SER B 364 -0.04 10.82 22.83
CA SER B 364 -0.34 9.63 23.63
C SER B 364 0.05 8.40 22.81
N PRO B 365 0.43 7.31 23.49
CA PRO B 365 0.82 6.08 22.79
C PRO B 365 -0.42 5.55 22.08
N GLY B 366 -0.24 4.96 20.92
CA GLY B 366 -1.38 4.44 20.19
C GLY B 366 -1.03 4.19 18.75
N ALA B 367 -1.87 3.40 18.08
CA ALA B 367 -1.63 3.10 16.67
C ALA B 367 -2.88 2.72 15.95
N TYR B 368 -2.94 3.05 14.66
CA TYR B 368 -4.08 2.71 13.85
C TYR B 368 -3.76 1.33 13.26
N LEU B 369 -4.25 0.28 13.93
CA LEU B 369 -4.00 -1.09 13.50
C LEU B 369 -4.53 -1.41 12.11
N SER B 370 -5.58 -0.72 11.69
CA SER B 370 -6.18 -0.97 10.39
C SER B 370 -5.30 -0.52 9.22
N ALA B 371 -4.11 -0.01 9.53
CA ALA B 371 -3.19 0.43 8.48
C ALA B 371 -2.22 -0.71 8.13
N ILE B 372 -2.25 -1.78 8.92
CA ILE B 372 -1.36 -2.92 8.68
C ILE B 372 -1.84 -3.77 7.50
N PRO B 373 -0.88 -4.22 6.65
CA PRO B 373 -1.18 -5.05 5.47
C PRO B 373 -2.02 -6.26 5.82
N GLY B 374 -3.20 -6.36 5.20
CA GLY B 374 -4.09 -7.48 5.46
C GLY B 374 -4.84 -7.24 6.76
N TYR B 375 -5.65 -6.18 6.78
CA TYR B 375 -6.43 -5.80 7.95
C TYR B 375 -7.13 -4.49 7.61
N ALA B 376 -8.05 -4.55 6.65
CA ALA B 376 -8.78 -3.36 6.19
C ALA B 376 -10.26 -3.37 6.59
N GLY B 377 -10.89 -2.20 6.50
CA GLY B 377 -12.30 -2.09 6.85
C GLY B 377 -12.56 -2.40 8.30
N GLU B 378 -11.78 -1.80 9.19
CA GLU B 378 -11.94 -2.04 10.61
C GLU B 378 -11.86 -0.79 11.50
N TYR B 379 -11.26 0.29 10.98
CA TYR B 379 -11.17 1.56 11.69
C TYR B 379 -10.68 1.46 13.13
N GLU B 380 -9.74 0.56 13.38
CA GLU B 380 -9.27 0.34 14.75
C GLU B 380 -8.00 1.07 15.24
N VAL B 381 -8.09 1.60 16.45
CA VAL B 381 -6.96 2.27 17.09
C VAL B 381 -6.71 1.47 18.36
N LEU B 382 -5.47 1.06 18.58
CA LEU B 382 -5.15 0.30 19.79
C LEU B 382 -4.46 1.20 20.80
N LEU B 383 -4.92 1.17 22.05
CA LEU B 383 -4.31 1.98 23.10
C LEU B 383 -3.47 1.11 24.03
N ASN B 384 -2.50 1.71 24.69
CA ASN B 384 -1.59 0.99 25.59
C ASN B 384 -2.24 0.41 26.85
N HIS B 385 -1.69 -0.71 27.31
CA HIS B 385 -2.19 -1.39 28.51
C HIS B 385 -1.92 -0.49 29.72
N GLY B 386 -2.79 -0.56 30.72
CA GLY B 386 -2.62 0.27 31.90
C GLY B 386 -3.16 1.69 31.76
N SER B 387 -3.90 1.95 30.69
CA SER B 387 -4.46 3.28 30.49
C SER B 387 -5.56 3.59 31.51
N LYS B 388 -5.59 4.84 31.96
CA LYS B 388 -6.58 5.29 32.92
C LYS B 388 -7.46 6.36 32.28
N PHE B 389 -8.77 6.21 32.42
CA PHE B 389 -9.70 7.18 31.84
C PHE B 389 -10.54 7.86 32.90
N LYS B 390 -10.56 9.19 32.87
CA LYS B 390 -11.37 9.94 33.81
C LYS B 390 -12.74 10.08 33.17
N ILE B 391 -13.80 9.67 33.87
CA ILE B 391 -15.14 9.79 33.32
C ILE B 391 -15.73 11.13 33.75
N ASN B 392 -15.83 12.06 32.81
CA ASN B 392 -16.33 13.41 33.09
C ASN B 392 -17.83 13.58 33.20
N LYS B 393 -18.56 12.87 32.36
CA LYS B 393 -20.01 13.00 32.29
C LYS B 393 -20.67 11.77 31.69
N VAL B 394 -21.86 11.45 32.18
CA VAL B 394 -22.62 10.30 31.68
C VAL B 394 -23.93 10.80 31.08
N ASP B 395 -24.16 10.47 29.81
CA ASP B 395 -25.39 10.84 29.13
C ASP B 395 -26.12 9.58 28.72
N SER B 396 -27.38 9.71 28.33
CA SER B 396 -28.13 8.55 27.89
C SER B 396 -28.95 8.93 26.67
N TYR B 397 -29.27 7.93 25.85
CA TYR B 397 -30.10 8.13 24.67
C TYR B 397 -30.83 6.83 24.38
N LYS B 398 -31.90 6.91 23.60
CA LYS B 398 -32.68 5.72 23.28
C LYS B 398 -32.38 5.23 21.88
N ASP B 399 -32.03 3.96 21.78
CA ASP B 399 -31.72 3.33 20.50
C ASP B 399 -32.79 2.24 20.34
N GLY B 400 -33.88 2.60 19.69
CA GLY B 400 -34.96 1.64 19.53
C GLY B 400 -35.63 1.56 20.89
N THR B 401 -35.75 0.36 21.44
CA THR B 401 -36.37 0.17 22.75
C THR B 401 -35.36 0.08 23.87
N VAL B 402 -34.08 0.23 23.54
CA VAL B 402 -33.04 0.12 24.55
C VAL B 402 -32.31 1.43 24.87
N THR B 403 -32.25 1.78 26.15
CA THR B 403 -31.55 2.99 26.57
C THR B 403 -30.07 2.64 26.69
N LYS B 404 -29.21 3.49 26.12
CA LYS B 404 -27.78 3.29 26.15
C LYS B 404 -27.07 4.50 26.76
N LEU B 405 -25.89 4.26 27.31
CA LEU B 405 -25.10 5.31 27.96
C LEU B 405 -23.91 5.77 27.12
N ILE B 406 -23.63 7.05 27.17
CA ILE B 406 -22.47 7.62 26.47
C ILE B 406 -21.59 8.20 27.57
N LEU B 407 -20.38 7.66 27.72
CA LEU B 407 -19.45 8.14 28.74
C LEU B 407 -18.41 9.08 28.15
N ASP B 408 -18.44 10.35 28.55
CA ASP B 408 -17.49 11.36 28.09
C ASP B 408 -16.26 11.17 28.97
N ALA B 409 -15.20 10.59 28.39
CA ALA B 409 -13.98 10.31 29.14
C ALA B 409 -12.73 10.92 28.53
N THR B 410 -11.69 11.06 29.34
CA THR B 410 -10.42 11.60 28.90
C THR B 410 -9.30 10.65 29.32
N LEU B 411 -8.37 10.36 28.41
CA LEU B 411 -7.25 9.49 28.74
C LEU B 411 -6.30 10.37 29.54
N ILE B 412 -5.93 9.95 30.75
CA ILE B 412 -5.06 10.77 31.59
C ILE B 412 -3.69 10.20 31.88
N ASN B 413 -3.32 9.11 31.22
CA ASN B 413 -2.02 8.47 31.44
C ASN B 413 -0.88 9.46 31.27
#